data_2KKR
#
_entry.id   2KKR
#
loop_
_entity.id
_entity.type
_entity.pdbx_description
1 polymer Ataxin-7
2 non-polymer 'ZINC ION'
#
_entity_poly.entity_id   1
_entity_poly.type   'polypeptide(L)'
_entity_poly.pdbx_seq_one_letter_code
;GSKFLNKRLSEREFDPDIHCGVIDLDTKKPCTRSLTCKTHSLTQRRAVQGRRKRFDVLLAEHKNKTREKELIRH
;
_entity_poly.pdbx_strand_id   A
#
loop_
_chem_comp.id
_chem_comp.type
_chem_comp.name
_chem_comp.formula
ZN non-polymer 'ZINC ION' 'Zn 2'
#
# COMPACT_ATOMS: atom_id res chain seq x y z
N ARG A 12 3.30 10.47 6.89
CA ARG A 12 3.42 11.12 8.11
C ARG A 12 2.83 10.28 9.08
N GLU A 13 1.66 10.07 8.85
CA GLU A 13 0.89 9.37 9.65
C GLU A 13 0.40 8.21 8.85
N PHE A 14 1.15 7.19 8.99
CA PHE A 14 0.75 5.86 8.47
C PHE A 14 -0.75 5.67 8.57
N ASP A 15 -1.33 5.47 7.44
CA ASP A 15 -2.73 5.23 7.37
C ASP A 15 -2.95 3.87 6.86
N PRO A 16 -3.30 2.91 7.70
CA PRO A 16 -3.50 1.56 7.22
C PRO A 16 -4.68 1.43 6.28
N ASP A 17 -5.65 2.29 6.47
CA ASP A 17 -6.86 2.28 5.66
C ASP A 17 -6.56 2.66 4.24
N ILE A 18 -5.48 3.37 4.06
CA ILE A 18 -5.21 3.99 2.78
C ILE A 18 -3.87 3.55 2.20
N HIS A 19 -2.93 3.21 3.04
CA HIS A 19 -1.60 2.95 2.60
C HIS A 19 -1.20 1.49 2.55
N CYS A 20 0.02 1.31 2.11
CA CYS A 20 0.65 0.03 1.85
C CYS A 20 0.80 -0.84 3.14
N GLY A 21 0.98 -0.22 4.31
CA GLY A 21 0.95 -0.98 5.62
C GLY A 21 2.17 -1.83 5.95
N VAL A 22 2.88 -2.17 4.95
CA VAL A 22 3.99 -3.09 5.01
C VAL A 22 5.19 -2.43 5.48
N ILE A 23 5.62 -2.82 6.61
CA ILE A 23 6.74 -2.23 7.21
C ILE A 23 7.94 -2.33 6.30
N ASP A 24 8.37 -1.19 5.94
CA ASP A 24 9.28 -1.00 4.87
C ASP A 24 10.64 -1.17 5.44
N LEU A 25 11.46 -1.94 4.82
CA LEU A 25 12.78 -2.19 5.34
C LEU A 25 13.75 -1.05 5.12
N ASP A 26 13.33 -0.04 4.39
CA ASP A 26 14.12 1.16 4.25
C ASP A 26 13.82 2.04 5.39
N THR A 27 12.56 2.37 5.50
CA THR A 27 12.18 3.34 6.45
C THR A 27 11.94 2.72 7.85
N LYS A 28 11.58 1.45 7.86
CA LYS A 28 11.37 0.63 9.07
C LYS A 28 10.24 1.12 9.90
N LYS A 29 9.25 1.39 9.19
CA LYS A 29 8.01 1.85 9.66
C LYS A 29 7.04 1.32 8.67
N PRO A 30 5.73 1.38 8.91
CA PRO A 30 4.80 0.91 7.96
C PRO A 30 4.85 1.71 6.72
N CYS A 31 4.25 1.20 5.73
CA CYS A 31 4.45 1.68 4.53
C CYS A 31 3.38 2.57 4.11
N THR A 32 3.63 3.76 4.28
CA THR A 32 2.74 4.79 3.93
C THR A 32 3.30 5.56 2.72
N ARG A 33 3.80 4.78 1.77
CA ARG A 33 4.27 5.31 0.51
C ARG A 33 3.09 5.70 -0.31
N SER A 34 2.47 4.69 -0.79
CA SER A 34 1.25 4.78 -1.52
C SER A 34 0.62 3.43 -1.56
N LEU A 35 -0.47 3.35 -2.28
CA LEU A 35 -1.26 2.18 -2.41
C LEU A 35 -0.63 1.29 -3.48
N THR A 36 0.23 1.89 -4.25
CA THR A 36 0.87 1.24 -5.39
C THR A 36 2.39 1.34 -5.18
N CYS A 37 2.74 1.32 -3.90
CA CYS A 37 4.10 1.42 -3.37
C CYS A 37 5.16 0.78 -4.29
N LYS A 38 6.10 1.59 -4.73
CA LYS A 38 7.13 1.23 -5.67
C LYS A 38 8.27 0.50 -4.97
N THR A 39 8.24 0.52 -3.68
CA THR A 39 9.27 -0.05 -2.89
C THR A 39 9.08 -1.57 -2.78
N HIS A 40 7.85 -1.94 -2.80
CA HIS A 40 7.45 -3.25 -2.42
C HIS A 40 6.76 -3.93 -3.54
N SER A 41 6.96 -5.22 -3.65
CA SER A 41 6.29 -5.97 -4.64
C SER A 41 4.88 -6.28 -4.22
N LEU A 42 4.05 -6.58 -5.20
CA LEU A 42 2.64 -6.86 -5.05
C LEU A 42 2.36 -7.80 -3.90
N THR A 43 3.14 -8.83 -3.80
CA THR A 43 2.91 -9.83 -2.78
C THR A 43 3.12 -9.22 -1.38
N GLN A 44 3.99 -8.25 -1.29
CA GLN A 44 4.38 -7.70 0.00
C GLN A 44 3.31 -6.76 0.47
N ARG A 45 2.61 -6.17 -0.47
CA ARG A 45 1.52 -5.32 -0.10
C ARG A 45 0.35 -6.18 0.33
N ARG A 46 0.13 -7.26 -0.41
CA ARG A 46 -0.97 -8.17 -0.13
C ARG A 46 -0.81 -8.89 1.17
N ALA A 47 0.42 -9.29 1.46
CA ALA A 47 0.75 -10.00 2.69
C ALA A 47 0.36 -9.23 3.94
N VAL A 48 0.51 -7.93 3.91
CA VAL A 48 0.24 -7.12 5.07
C VAL A 48 -1.25 -6.74 5.15
N GLN A 49 -1.88 -7.13 6.23
CA GLN A 49 -3.25 -6.77 6.47
C GLN A 49 -3.33 -5.39 7.15
N GLY A 50 -3.03 -4.38 6.37
CA GLY A 50 -3.08 -3.01 6.83
C GLY A 50 -4.39 -2.37 6.55
N ARG A 51 -4.82 -2.50 5.34
CA ARG A 51 -6.03 -1.89 4.85
C ARG A 51 -7.25 -2.49 5.47
N ARG A 52 -8.35 -1.82 5.30
CA ARG A 52 -9.60 -2.27 5.84
C ARG A 52 -10.29 -3.23 4.88
N LYS A 53 -9.66 -3.42 3.73
CA LYS A 53 -10.13 -4.27 2.69
C LYS A 53 -8.89 -5.02 2.21
N ARG A 54 -9.04 -5.88 1.21
CA ARG A 54 -7.90 -6.57 0.61
C ARG A 54 -7.02 -5.53 -0.05
N PHE A 55 -5.83 -5.88 -0.34
CA PHE A 55 -4.95 -4.95 -0.95
C PHE A 55 -5.36 -4.63 -2.38
N ASP A 56 -5.70 -5.63 -3.08
CA ASP A 56 -6.04 -5.56 -4.49
C ASP A 56 -7.29 -4.73 -4.70
N VAL A 57 -8.23 -4.89 -3.80
CA VAL A 57 -9.50 -4.20 -3.85
C VAL A 57 -9.29 -2.73 -3.51
N LEU A 58 -8.34 -2.52 -2.64
CA LEU A 58 -7.92 -1.25 -2.20
C LEU A 58 -7.16 -0.55 -3.33
N LEU A 59 -6.26 -1.30 -3.97
CA LEU A 59 -5.47 -0.77 -5.05
C LEU A 59 -6.41 -0.40 -6.19
N ALA A 60 -7.50 -1.13 -6.32
CA ALA A 60 -8.51 -0.86 -7.34
C ALA A 60 -9.10 0.54 -7.15
N GLU A 61 -9.23 0.96 -5.89
CA GLU A 61 -9.70 2.27 -5.56
C GLU A 61 -8.60 3.26 -5.88
N HIS A 62 -7.36 2.84 -5.65
CA HIS A 62 -6.20 3.64 -6.01
C HIS A 62 -6.19 3.87 -7.46
N LYS A 63 -6.36 2.84 -8.22
CA LYS A 63 -6.39 2.94 -9.65
C LYS A 63 -7.56 3.72 -10.12
N ASN A 64 -8.59 3.73 -9.41
CA ASN A 64 -9.67 4.58 -9.82
C ASN A 64 -9.26 6.08 -9.72
N LYS A 65 -8.35 6.39 -8.81
CA LYS A 65 -7.81 7.70 -8.69
C LYS A 65 -6.54 7.83 -9.56
N THR A 66 -5.51 7.07 -9.19
CA THR A 66 -4.22 7.10 -9.80
C THR A 66 -3.95 5.80 -10.58
N ARG A 67 -4.83 5.56 -11.43
CA ARG A 67 -4.82 4.57 -12.56
C ARG A 67 -3.55 4.58 -13.45
N GLU A 68 -2.48 5.15 -12.96
CA GLU A 68 -1.22 5.21 -13.64
C GLU A 68 -0.32 4.14 -13.04
N LYS A 69 -0.01 3.12 -13.78
CA LYS A 69 0.90 2.10 -13.31
C LYS A 69 2.03 1.95 -14.31
N GLU A 70 3.20 1.58 -13.84
CA GLU A 70 4.30 1.36 -14.71
C GLU A 70 4.21 -0.03 -15.31
ZN ZN B . 5.26 -0.38 0.60
N ARG A 12 3.89 10.10 7.09
CA ARG A 12 2.72 10.73 7.51
C ARG A 12 2.31 9.96 8.68
N GLU A 13 1.24 10.32 9.24
CA GLU A 13 0.74 9.51 10.23
C GLU A 13 0.17 8.31 9.46
N PHE A 14 1.00 7.29 9.40
CA PHE A 14 0.69 6.02 8.77
C PHE A 14 -0.78 5.71 8.91
N ASP A 15 -1.39 5.56 7.80
CA ASP A 15 -2.79 5.29 7.73
C ASP A 15 -2.97 3.95 7.11
N PRO A 16 -3.21 2.91 7.89
CA PRO A 16 -3.34 1.56 7.35
C PRO A 16 -4.47 1.38 6.34
N ASP A 17 -5.58 2.07 6.56
CA ASP A 17 -6.74 1.92 5.67
C ASP A 17 -6.51 2.56 4.33
N ILE A 18 -5.51 3.41 4.25
CA ILE A 18 -5.32 4.22 3.05
C ILE A 18 -3.95 4.03 2.45
N HIS A 19 -3.07 3.42 3.19
CA HIS A 19 -1.73 3.23 2.75
C HIS A 19 -1.24 1.80 2.76
N CYS A 20 -0.01 1.63 2.31
CA CYS A 20 0.62 0.34 2.07
C CYS A 20 0.67 -0.57 3.30
N GLY A 21 1.04 -0.03 4.45
CA GLY A 21 1.01 -0.84 5.69
C GLY A 21 2.09 -1.88 5.82
N VAL A 22 2.93 -2.01 4.81
CA VAL A 22 3.95 -3.04 4.84
C VAL A 22 5.08 -2.34 5.36
N ILE A 23 5.62 -2.85 6.37
CA ILE A 23 6.72 -2.21 6.96
C ILE A 23 7.87 -2.16 6.02
N ASP A 24 8.34 -0.98 5.84
CA ASP A 24 9.19 -0.65 4.78
C ASP A 24 10.58 -0.95 5.15
N LEU A 25 11.24 -1.66 4.33
CA LEU A 25 12.59 -2.05 4.57
C LEU A 25 13.58 -0.94 4.29
N ASP A 26 13.11 0.14 3.72
CA ASP A 26 13.95 1.29 3.53
C ASP A 26 13.80 2.15 4.71
N THR A 27 12.58 2.47 5.00
CA THR A 27 12.34 3.40 6.02
C THR A 27 12.26 2.78 7.43
N LYS A 28 11.81 1.55 7.49
CA LYS A 28 11.63 0.77 8.72
C LYS A 28 10.65 1.37 9.64
N LYS A 29 9.54 1.53 9.04
CA LYS A 29 8.35 2.05 9.59
C LYS A 29 7.28 1.54 8.67
N PRO A 30 6.01 1.73 8.95
CA PRO A 30 5.02 1.30 8.05
C PRO A 30 5.05 2.13 6.79
N CYS A 31 4.30 1.75 5.86
CA CYS A 31 4.50 2.24 4.64
C CYS A 31 3.40 3.08 4.18
N THR A 32 3.55 4.31 4.41
CA THR A 32 2.60 5.26 3.98
C THR A 32 3.19 6.03 2.77
N ARG A 33 3.54 5.21 1.77
CA ARG A 33 4.02 5.70 0.49
C ARG A 33 2.85 5.95 -0.38
N SER A 34 2.22 4.86 -0.69
CA SER A 34 1.07 4.80 -1.48
C SER A 34 0.64 3.38 -1.45
N LEU A 35 -0.40 3.11 -2.13
CA LEU A 35 -0.96 1.82 -2.25
C LEU A 35 -0.25 1.04 -3.32
N THR A 36 0.46 1.73 -4.12
CA THR A 36 1.14 1.15 -5.25
C THR A 36 2.65 1.25 -5.02
N CYS A 37 2.97 1.44 -3.72
CA CYS A 37 4.31 1.51 -3.14
C CYS A 37 5.41 0.83 -4.00
N LYS A 38 6.45 1.58 -4.28
CA LYS A 38 7.51 1.24 -5.22
C LYS A 38 8.58 0.38 -4.57
N THR A 39 8.48 0.22 -3.31
CA THR A 39 9.48 -0.45 -2.55
C THR A 39 9.10 -1.89 -2.29
N HIS A 40 7.82 -2.12 -2.27
CA HIS A 40 7.32 -3.38 -1.86
C HIS A 40 6.67 -4.03 -3.02
N SER A 41 6.86 -5.31 -3.15
CA SER A 41 6.26 -6.02 -4.20
C SER A 41 4.84 -6.37 -3.92
N LEU A 42 4.12 -6.63 -4.98
CA LEU A 42 2.72 -6.93 -4.97
C LEU A 42 2.36 -7.94 -3.91
N THR A 43 3.12 -8.99 -3.82
CA THR A 43 2.79 -10.03 -2.88
C THR A 43 2.93 -9.52 -1.44
N GLN A 44 3.83 -8.58 -1.26
CA GLN A 44 4.13 -8.05 0.06
C GLN A 44 3.02 -7.11 0.50
N ARG A 45 2.43 -6.41 -0.48
CA ARG A 45 1.29 -5.57 -0.16
C ARG A 45 0.09 -6.43 0.19
N ARG A 46 -0.11 -7.50 -0.59
CA ARG A 46 -1.22 -8.43 -0.36
C ARG A 46 -1.06 -9.11 1.00
N ALA A 47 0.18 -9.40 1.34
CA ALA A 47 0.54 -10.06 2.60
C ALA A 47 0.11 -9.27 3.85
N VAL A 48 0.30 -7.97 3.85
CA VAL A 48 -0.06 -7.18 5.02
C VAL A 48 -1.56 -6.85 4.99
N GLN A 49 -2.24 -7.12 6.07
CA GLN A 49 -3.65 -6.79 6.19
C GLN A 49 -3.80 -5.41 6.83
N GLY A 50 -3.17 -4.43 6.22
CA GLY A 50 -3.18 -3.07 6.72
C GLY A 50 -4.47 -2.37 6.41
N ARG A 51 -4.94 -2.57 5.21
CA ARG A 51 -6.12 -1.91 4.73
C ARG A 51 -7.32 -2.58 5.32
N ARG A 52 -8.47 -1.99 5.17
CA ARG A 52 -9.67 -2.57 5.74
C ARG A 52 -10.26 -3.58 4.79
N LYS A 53 -9.69 -3.64 3.62
CA LYS A 53 -10.11 -4.49 2.59
C LYS A 53 -8.87 -5.25 2.17
N ARG A 54 -8.99 -6.10 1.18
CA ARG A 54 -7.81 -6.76 0.62
C ARG A 54 -7.01 -5.73 -0.09
N PHE A 55 -5.86 -6.09 -0.49
CA PHE A 55 -5.01 -5.17 -1.13
C PHE A 55 -5.47 -4.83 -2.53
N ASP A 56 -5.94 -5.80 -3.23
CA ASP A 56 -6.31 -5.64 -4.64
C ASP A 56 -7.50 -4.75 -4.80
N VAL A 57 -8.50 -4.99 -4.00
CA VAL A 57 -9.73 -4.23 -4.03
C VAL A 57 -9.46 -2.79 -3.68
N LEU A 58 -8.51 -2.63 -2.82
CA LEU A 58 -8.06 -1.42 -2.36
C LEU A 58 -7.24 -0.72 -3.45
N LEU A 59 -6.35 -1.46 -4.07
CA LEU A 59 -5.51 -0.92 -5.13
C LEU A 59 -6.41 -0.50 -6.29
N ALA A 60 -7.53 -1.19 -6.43
CA ALA A 60 -8.51 -0.86 -7.46
C ALA A 60 -9.05 0.55 -7.22
N GLU A 61 -9.22 0.91 -5.95
CA GLU A 61 -9.66 2.23 -5.58
C GLU A 61 -8.54 3.21 -5.87
N HIS A 62 -7.32 2.77 -5.58
CA HIS A 62 -6.13 3.53 -5.89
C HIS A 62 -6.04 3.80 -7.34
N LYS A 63 -6.20 2.81 -8.15
CA LYS A 63 -6.17 2.99 -9.56
C LYS A 63 -7.30 3.80 -10.06
N ASN A 64 -8.38 3.77 -9.41
CA ASN A 64 -9.44 4.65 -9.84
C ASN A 64 -9.08 6.12 -9.59
N LYS A 65 -8.15 6.36 -8.67
CA LYS A 65 -7.61 7.66 -8.42
C LYS A 65 -6.32 7.86 -9.27
N THR A 66 -5.31 7.06 -8.96
CA THR A 66 -3.97 7.14 -9.49
C THR A 66 -3.64 5.87 -10.32
N ARG A 67 -4.48 5.67 -11.21
CA ARG A 67 -4.45 4.70 -12.34
C ARG A 67 -3.15 4.60 -13.19
N GLU A 68 -2.05 5.10 -12.71
CA GLU A 68 -0.81 4.92 -13.35
C GLU A 68 0.22 4.42 -12.37
N LYS A 69 0.98 3.49 -12.79
CA LYS A 69 1.92 2.81 -11.94
C LYS A 69 3.35 3.05 -12.48
N GLU A 70 4.35 2.35 -11.95
CA GLU A 70 5.71 2.43 -12.47
C GLU A 70 5.89 1.65 -13.77
ZN ZN B . 5.28 -0.23 0.92
N ARG A 12 3.47 10.34 6.50
CA ARG A 12 2.49 11.12 7.13
C ARG A 12 2.08 10.33 8.27
N GLU A 13 0.98 10.62 8.79
CA GLU A 13 0.45 9.79 9.74
C GLU A 13 -0.04 8.55 8.96
N PHE A 14 0.83 7.57 8.93
CA PHE A 14 0.56 6.25 8.34
C PHE A 14 -0.89 5.87 8.47
N ASP A 15 -1.50 5.71 7.34
CA ASP A 15 -2.88 5.35 7.27
C ASP A 15 -3.00 3.95 6.79
N PRO A 16 -3.21 2.96 7.65
CA PRO A 16 -3.31 1.58 7.22
C PRO A 16 -4.47 1.33 6.28
N ASP A 17 -5.57 2.01 6.51
CA ASP A 17 -6.80 1.80 5.74
C ASP A 17 -6.66 2.26 4.31
N ILE A 18 -5.63 3.04 4.05
CA ILE A 18 -5.49 3.64 2.76
C ILE A 18 -4.12 3.34 2.15
N HIS A 19 -3.11 3.22 2.98
CA HIS A 19 -1.78 3.10 2.49
C HIS A 19 -1.22 1.71 2.51
N CYS A 20 0.00 1.64 2.04
CA CYS A 20 0.74 0.40 1.82
C CYS A 20 0.86 -0.46 3.08
N GLY A 21 1.25 0.11 4.22
CA GLY A 21 1.30 -0.66 5.46
C GLY A 21 2.45 -1.63 5.54
N VAL A 22 3.27 -1.69 4.51
CA VAL A 22 4.36 -2.64 4.50
C VAL A 22 5.48 -1.97 5.11
N ILE A 23 5.82 -2.43 6.23
CA ILE A 23 6.88 -1.91 6.95
C ILE A 23 8.13 -2.27 6.30
N ASP A 24 8.96 -1.33 6.27
CA ASP A 24 10.16 -1.44 5.62
C ASP A 24 11.25 -1.82 6.54
N LEU A 25 12.07 -2.70 6.08
CA LEU A 25 13.25 -3.09 6.78
C LEU A 25 14.35 -2.05 6.56
N ASP A 26 14.05 -1.11 5.70
CA ASP A 26 14.94 -0.07 5.33
C ASP A 26 14.97 0.98 6.39
N THR A 27 13.79 1.42 6.78
CA THR A 27 13.68 2.47 7.74
C THR A 27 12.93 2.02 8.99
N LYS A 28 12.26 0.89 8.89
CA LYS A 28 11.47 0.31 9.96
C LYS A 28 10.33 1.16 10.35
N LYS A 29 9.66 1.57 9.35
CA LYS A 29 8.50 2.36 9.45
C LYS A 29 7.49 1.75 8.51
N PRO A 30 6.23 2.09 8.61
CA PRO A 30 5.29 1.62 7.68
C PRO A 30 5.35 2.38 6.42
N CYS A 31 4.45 2.08 5.59
CA CYS A 31 4.57 2.55 4.36
C CYS A 31 3.39 3.29 3.93
N THR A 32 3.47 4.54 4.06
CA THR A 32 2.42 5.42 3.67
C THR A 32 2.85 6.19 2.40
N ARG A 33 3.34 5.40 1.43
CA ARG A 33 3.72 5.90 0.12
C ARG A 33 2.50 6.13 -0.70
N SER A 34 1.85 5.06 -0.99
CA SER A 34 0.66 5.03 -1.72
C SER A 34 0.11 3.68 -1.62
N LEU A 35 -1.01 3.53 -2.23
CA LEU A 35 -1.74 2.31 -2.27
C LEU A 35 -1.04 1.35 -3.22
N THR A 36 -0.18 1.90 -4.06
CA THR A 36 0.46 1.16 -5.11
C THR A 36 2.00 1.28 -5.00
N CYS A 37 2.45 1.55 -3.77
CA CYS A 37 3.88 1.68 -3.38
C CYS A 37 4.89 0.98 -4.33
N LYS A 38 5.82 1.74 -4.85
CA LYS A 38 6.74 1.33 -5.88
C LYS A 38 7.87 0.45 -5.35
N THR A 39 8.07 0.53 -4.08
CA THR A 39 9.19 -0.09 -3.46
C THR A 39 8.94 -1.56 -3.23
N HIS A 40 7.74 -1.80 -2.87
CA HIS A 40 7.34 -3.05 -2.34
C HIS A 40 6.61 -3.82 -3.37
N SER A 41 6.90 -5.09 -3.46
CA SER A 41 6.27 -5.94 -4.41
C SER A 41 4.86 -6.28 -4.09
N LEU A 42 4.13 -6.62 -5.13
CA LEU A 42 2.73 -6.95 -5.09
C LEU A 42 2.37 -7.89 -3.96
N THR A 43 3.16 -8.93 -3.79
CA THR A 43 2.86 -9.90 -2.78
C THR A 43 3.00 -9.29 -1.39
N GLN A 44 3.88 -8.33 -1.28
CA GLN A 44 4.19 -7.73 0.00
C GLN A 44 3.05 -6.83 0.40
N ARG A 45 2.47 -6.15 -0.60
CA ARG A 45 1.31 -5.33 -0.34
C ARG A 45 0.13 -6.21 0.05
N ARG A 46 -0.07 -7.32 -0.69
CA ARG A 46 -1.17 -8.24 -0.41
C ARG A 46 -1.05 -8.86 0.96
N ALA A 47 0.17 -9.24 1.29
CA ALA A 47 0.48 -9.91 2.54
C ALA A 47 0.08 -9.08 3.75
N VAL A 48 0.53 -7.85 3.78
CA VAL A 48 0.31 -6.99 4.93
C VAL A 48 -1.16 -6.64 5.11
N GLN A 49 -1.69 -7.03 6.23
CA GLN A 49 -3.02 -6.67 6.61
C GLN A 49 -3.04 -5.24 7.16
N GLY A 50 -2.85 -4.31 6.27
CA GLY A 50 -2.84 -2.92 6.61
C GLY A 50 -4.17 -2.31 6.34
N ARG A 51 -4.59 -2.50 5.13
CA ARG A 51 -5.81 -1.95 4.67
C ARG A 51 -6.94 -2.70 5.29
N ARG A 52 -8.07 -2.10 5.31
CA ARG A 52 -9.21 -2.70 5.93
C ARG A 52 -9.92 -3.61 4.95
N LYS A 53 -9.44 -3.60 3.72
CA LYS A 53 -9.99 -4.35 2.67
C LYS A 53 -8.84 -5.16 2.11
N ARG A 54 -9.09 -5.92 1.08
CA ARG A 54 -8.01 -6.64 0.41
C ARG A 54 -7.13 -5.63 -0.26
N PHE A 55 -5.97 -6.02 -0.61
CA PHE A 55 -5.08 -5.09 -1.23
C PHE A 55 -5.53 -4.76 -2.64
N ASP A 56 -5.95 -5.74 -3.36
CA ASP A 56 -6.37 -5.58 -4.75
C ASP A 56 -7.59 -4.73 -4.86
N VAL A 57 -8.48 -4.88 -3.89
CA VAL A 57 -9.74 -4.15 -3.88
C VAL A 57 -9.46 -2.70 -3.54
N LEU A 58 -8.47 -2.53 -2.73
CA LEU A 58 -8.00 -1.28 -2.30
C LEU A 58 -7.25 -0.62 -3.45
N LEU A 59 -6.43 -1.39 -4.12
CA LEU A 59 -5.69 -0.87 -5.25
C LEU A 59 -6.65 -0.49 -6.35
N ALA A 60 -7.78 -1.19 -6.40
CA ALA A 60 -8.83 -0.90 -7.38
C ALA A 60 -9.33 0.52 -7.19
N GLU A 61 -9.41 0.95 -5.94
CA GLU A 61 -9.82 2.29 -5.59
C GLU A 61 -8.72 3.22 -6.04
N HIS A 62 -7.47 2.82 -5.78
CA HIS A 62 -6.33 3.59 -6.20
C HIS A 62 -6.34 3.78 -7.66
N LYS A 63 -6.54 2.76 -8.40
CA LYS A 63 -6.54 2.87 -9.81
C LYS A 63 -7.70 3.63 -10.32
N ASN A 64 -8.75 3.62 -9.65
CA ASN A 64 -9.86 4.40 -10.11
C ASN A 64 -9.59 5.90 -9.89
N LYS A 65 -8.72 6.21 -8.95
CA LYS A 65 -8.26 7.54 -8.74
C LYS A 65 -6.98 7.80 -9.56
N THR A 66 -5.96 7.05 -9.26
CA THR A 66 -4.66 7.15 -9.84
C THR A 66 -4.23 5.80 -10.46
N ARG A 67 -4.89 5.52 -11.46
CA ARG A 67 -4.68 4.43 -12.41
C ARG A 67 -3.29 4.43 -13.10
N GLU A 68 -2.42 5.34 -12.73
CA GLU A 68 -1.09 5.40 -13.25
C GLU A 68 -0.19 4.46 -12.45
N LYS A 69 -0.12 3.23 -12.89
CA LYS A 69 0.66 2.18 -12.23
C LYS A 69 2.15 2.44 -12.45
N GLU A 70 2.99 1.89 -11.57
CA GLU A 70 4.43 2.00 -11.65
C GLU A 70 4.94 1.33 -12.91
ZN ZN B . 5.42 0.18 0.59
N ARG A 12 3.73 10.43 5.31
CA ARG A 12 3.72 11.31 6.41
C ARG A 12 3.28 10.58 7.58
N GLU A 13 2.06 10.55 7.71
CA GLU A 13 1.47 9.95 8.76
C GLU A 13 0.78 8.75 8.20
N PHE A 14 1.49 7.70 8.28
CA PHE A 14 0.97 6.37 7.93
C PHE A 14 -0.49 6.22 8.23
N ASP A 15 -1.18 6.00 7.17
CA ASP A 15 -2.59 5.81 7.19
C ASP A 15 -2.85 4.42 6.64
N PRO A 16 -3.03 3.41 7.49
CA PRO A 16 -3.16 2.02 7.04
C PRO A 16 -4.27 1.75 6.04
N ASP A 17 -5.41 2.34 6.25
CA ASP A 17 -6.55 2.14 5.35
C ASP A 17 -6.27 2.65 3.95
N ILE A 18 -5.44 3.65 3.87
CA ILE A 18 -5.29 4.37 2.63
C ILE A 18 -3.93 4.12 1.98
N HIS A 19 -3.06 3.50 2.72
CA HIS A 19 -1.72 3.27 2.25
C HIS A 19 -1.22 1.83 2.31
N CYS A 20 0.01 1.68 1.84
CA CYS A 20 0.74 0.42 1.67
C CYS A 20 0.80 -0.43 2.94
N GLY A 21 1.19 0.14 4.07
CA GLY A 21 1.19 -0.61 5.32
C GLY A 21 2.32 -1.59 5.43
N VAL A 22 3.17 -1.63 4.43
CA VAL A 22 4.25 -2.59 4.42
C VAL A 22 5.35 -1.98 5.11
N ILE A 23 5.64 -2.53 6.21
CA ILE A 23 6.64 -2.06 7.02
C ILE A 23 7.98 -2.29 6.36
N ASP A 24 8.73 -1.26 6.30
CA ASP A 24 9.94 -1.25 5.57
C ASP A 24 11.02 -1.88 6.39
N LEU A 25 11.71 -2.80 5.82
CA LEU A 25 12.77 -3.49 6.50
C LEU A 25 14.08 -2.69 6.56
N ASP A 26 14.11 -1.53 5.94
CA ASP A 26 15.25 -0.66 6.00
C ASP A 26 15.07 0.37 7.10
N THR A 27 13.94 1.02 7.09
CA THR A 27 13.61 2.05 8.06
C THR A 27 12.87 1.48 9.26
N LYS A 28 12.04 0.50 9.00
CA LYS A 28 11.22 -0.16 10.02
C LYS A 28 10.18 0.73 10.54
N LYS A 29 9.45 1.16 9.62
CA LYS A 29 8.30 1.98 9.77
C LYS A 29 7.36 1.53 8.69
N PRO A 30 6.09 1.88 8.75
CA PRO A 30 5.17 1.52 7.73
C PRO A 30 5.35 2.28 6.48
N CYS A 31 4.42 2.12 5.62
CA CYS A 31 4.56 2.58 4.40
C CYS A 31 3.37 3.27 3.94
N THR A 32 3.52 4.47 3.82
CA THR A 32 2.48 5.33 3.41
C THR A 32 2.82 6.02 2.07
N ARG A 33 3.47 5.25 1.20
CA ARG A 33 3.86 5.72 -0.12
C ARG A 33 2.65 5.88 -1.00
N SER A 34 2.08 4.76 -1.32
CA SER A 34 0.92 4.67 -2.13
C SER A 34 0.45 3.25 -2.10
N LEU A 35 -0.61 3.02 -2.78
CA LEU A 35 -1.20 1.73 -2.91
C LEU A 35 -0.63 1.01 -4.11
N THR A 36 0.31 1.63 -4.70
CA THR A 36 1.05 1.06 -5.79
C THR A 36 2.52 1.35 -5.52
N CYS A 37 2.81 1.37 -4.19
CA CYS A 37 4.13 1.61 -3.62
C CYS A 37 5.26 1.02 -4.47
N LYS A 38 6.16 1.88 -4.85
CA LYS A 38 7.20 1.60 -5.79
C LYS A 38 8.39 0.91 -5.14
N THR A 39 8.42 0.93 -3.84
CA THR A 39 9.53 0.37 -3.12
C THR A 39 9.33 -1.13 -2.95
N HIS A 40 8.10 -1.45 -2.68
CA HIS A 40 7.71 -2.73 -2.18
C HIS A 40 6.99 -3.47 -3.22
N SER A 41 7.31 -4.73 -3.37
CA SER A 41 6.68 -5.54 -4.37
C SER A 41 5.27 -5.89 -4.05
N LEU A 42 4.51 -6.12 -5.12
CA LEU A 42 3.10 -6.42 -5.09
C LEU A 42 2.74 -7.44 -4.04
N THR A 43 3.52 -8.49 -3.97
CA THR A 43 3.22 -9.56 -3.05
C THR A 43 3.29 -9.07 -1.60
N GLN A 44 4.15 -8.11 -1.38
CA GLN A 44 4.42 -7.61 -0.04
C GLN A 44 3.26 -6.78 0.42
N ARG A 45 2.63 -6.09 -0.53
CA ARG A 45 1.49 -5.28 -0.20
C ARG A 45 0.28 -6.15 0.07
N ARG A 46 0.14 -7.23 -0.73
CA ARG A 46 -1.00 -8.13 -0.56
C ARG A 46 -0.92 -8.84 0.77
N ALA A 47 0.29 -9.22 1.13
CA ALA A 47 0.56 -9.92 2.38
C ALA A 47 0.14 -9.11 3.62
N VAL A 48 0.34 -7.80 3.59
CA VAL A 48 0.01 -6.98 4.74
C VAL A 48 -1.46 -6.53 4.68
N GLN A 49 -2.15 -6.72 5.77
CA GLN A 49 -3.55 -6.34 5.87
C GLN A 49 -3.71 -4.95 6.53
N GLY A 50 -2.83 -4.02 6.12
CA GLY A 50 -2.87 -2.62 6.60
C GLY A 50 -4.17 -1.95 6.31
N ARG A 51 -4.63 -2.11 5.10
CA ARG A 51 -5.86 -1.54 4.62
C ARG A 51 -7.01 -2.23 5.30
N ARG A 52 -8.18 -1.66 5.22
CA ARG A 52 -9.31 -2.23 5.89
C ARG A 52 -10.03 -3.24 5.00
N LYS A 53 -9.52 -3.38 3.80
CA LYS A 53 -10.02 -4.27 2.82
C LYS A 53 -8.77 -4.98 2.30
N ARG A 54 -8.93 -5.98 1.45
CA ARG A 54 -7.76 -6.64 0.82
C ARG A 54 -7.04 -5.64 0.00
N PHE A 55 -5.86 -5.93 -0.31
CA PHE A 55 -5.08 -5.01 -1.07
C PHE A 55 -5.57 -4.88 -2.49
N ASP A 56 -6.02 -5.94 -3.03
CA ASP A 56 -6.44 -5.97 -4.42
C ASP A 56 -7.69 -5.14 -4.60
N VAL A 57 -8.63 -5.33 -3.69
CA VAL A 57 -9.90 -4.63 -3.72
C VAL A 57 -9.70 -3.16 -3.46
N LEU A 58 -8.72 -2.90 -2.64
CA LEU A 58 -8.33 -1.62 -2.28
C LEU A 58 -7.62 -0.96 -3.46
N LEU A 59 -6.72 -1.68 -4.10
CA LEU A 59 -5.97 -1.15 -5.24
C LEU A 59 -6.95 -0.83 -6.36
N ALA A 60 -8.04 -1.58 -6.40
CA ALA A 60 -9.09 -1.37 -7.38
C ALA A 60 -9.68 0.04 -7.19
N GLU A 61 -9.80 0.45 -5.95
CA GLU A 61 -10.29 1.79 -5.62
C GLU A 61 -9.20 2.79 -5.96
N HIS A 62 -7.94 2.40 -5.67
CA HIS A 62 -6.80 3.22 -5.97
C HIS A 62 -6.75 3.54 -7.40
N LYS A 63 -6.83 2.56 -8.23
CA LYS A 63 -6.81 2.78 -9.65
C LYS A 63 -8.01 3.53 -10.14
N ASN A 64 -9.07 3.45 -9.48
CA ASN A 64 -10.18 4.24 -9.90
C ASN A 64 -9.90 5.75 -9.63
N LYS A 65 -9.12 6.04 -8.60
CA LYS A 65 -8.70 7.39 -8.31
C LYS A 65 -7.36 7.70 -9.02
N THR A 66 -6.32 7.00 -8.61
CA THR A 66 -4.98 7.15 -9.07
C THR A 66 -4.52 5.86 -9.80
N ARG A 67 -5.07 5.76 -10.88
CA ARG A 67 -4.76 4.80 -11.90
C ARG A 67 -3.38 5.02 -12.55
N GLU A 68 -2.65 6.03 -12.09
CA GLU A 68 -1.27 6.20 -12.42
C GLU A 68 -0.53 5.07 -11.71
N LYS A 69 -0.08 4.14 -12.47
CA LYS A 69 0.56 2.97 -11.92
C LYS A 69 2.04 3.22 -11.70
N GLU A 70 2.46 3.07 -10.49
CA GLU A 70 3.83 3.14 -10.16
C GLU A 70 4.35 1.75 -10.36
ZN ZN B . 5.50 0.35 0.60
N ARG A 12 3.67 10.17 5.57
CA ARG A 12 2.65 11.00 6.08
C ARG A 12 2.26 10.43 7.37
N GLU A 13 1.17 10.82 7.85
CA GLU A 13 0.66 10.18 8.94
C GLU A 13 0.12 8.85 8.39
N PHE A 14 0.98 7.86 8.50
CA PHE A 14 0.67 6.48 8.10
C PHE A 14 -0.76 6.15 8.31
N ASP A 15 -1.36 5.86 7.22
CA ASP A 15 -2.73 5.52 7.18
C ASP A 15 -2.82 4.09 6.77
N PRO A 16 -3.00 3.15 7.69
CA PRO A 16 -3.05 1.75 7.32
C PRO A 16 -4.21 1.45 6.43
N ASP A 17 -5.34 2.04 6.75
CA ASP A 17 -6.60 1.81 6.06
C ASP A 17 -6.56 2.21 4.60
N ILE A 18 -5.60 3.03 4.25
CA ILE A 18 -5.56 3.58 2.92
C ILE A 18 -4.23 3.28 2.23
N HIS A 19 -3.17 3.27 2.97
CA HIS A 19 -1.85 3.16 2.39
C HIS A 19 -1.28 1.78 2.40
N CYS A 20 -0.06 1.72 1.93
CA CYS A 20 0.70 0.48 1.73
C CYS A 20 0.80 -0.37 3.01
N GLY A 21 1.18 0.25 4.13
CA GLY A 21 1.20 -0.49 5.40
C GLY A 21 2.27 -1.54 5.48
N VAL A 22 3.15 -1.55 4.52
CA VAL A 22 4.21 -2.50 4.50
C VAL A 22 5.30 -1.89 5.21
N ILE A 23 5.55 -2.41 6.33
CA ILE A 23 6.59 -1.96 7.11
C ILE A 23 7.87 -2.33 6.46
N ASP A 24 8.69 -1.35 6.29
CA ASP A 24 9.88 -1.49 5.54
C ASP A 24 10.92 -2.10 6.39
N LEU A 25 11.62 -3.04 5.87
CA LEU A 25 12.64 -3.72 6.62
C LEU A 25 13.94 -2.95 6.74
N ASP A 26 14.06 -1.86 6.02
CA ASP A 26 15.22 -1.02 6.17
C ASP A 26 14.91 0.03 7.13
N THR A 27 13.87 0.77 6.81
CA THR A 27 13.53 1.87 7.60
C THR A 27 12.80 1.45 8.89
N LYS A 28 12.04 0.38 8.79
CA LYS A 28 11.31 -0.22 9.91
C LYS A 28 10.26 0.66 10.44
N LYS A 29 9.53 1.11 9.52
CA LYS A 29 8.44 1.96 9.69
C LYS A 29 7.48 1.63 8.58
N PRO A 30 6.23 2.03 8.66
CA PRO A 30 5.26 1.66 7.68
C PRO A 30 5.40 2.36 6.40
N CYS A 31 4.40 2.24 5.59
CA CYS A 31 4.54 2.70 4.36
C CYS A 31 3.36 3.40 3.90
N THR A 32 3.42 4.63 4.04
CA THR A 32 2.44 5.49 3.52
C THR A 32 3.02 6.25 2.34
N ARG A 33 3.31 5.47 1.31
CA ARG A 33 3.70 5.97 0.04
C ARG A 33 2.47 6.22 -0.76
N SER A 34 1.93 5.14 -1.20
CA SER A 34 0.71 5.10 -1.90
C SER A 34 0.18 3.73 -1.81
N LEU A 35 -0.98 3.57 -2.37
CA LEU A 35 -1.72 2.37 -2.39
C LEU A 35 -1.11 1.42 -3.43
N THR A 36 -0.25 1.97 -4.26
CA THR A 36 0.37 1.23 -5.36
C THR A 36 1.89 1.34 -5.24
N CYS A 37 2.34 1.58 -3.99
CA CYS A 37 3.74 1.71 -3.58
C CYS A 37 4.76 1.03 -4.52
N LYS A 38 5.67 1.81 -5.05
CA LYS A 38 6.61 1.40 -6.05
C LYS A 38 7.92 0.90 -5.41
N THR A 39 7.97 0.94 -4.12
CA THR A 39 9.14 0.51 -3.40
C THR A 39 9.06 -0.98 -3.15
N HIS A 40 7.87 -1.37 -2.81
CA HIS A 40 7.57 -2.65 -2.28
C HIS A 40 6.85 -3.44 -3.30
N SER A 41 7.25 -4.67 -3.49
CA SER A 41 6.65 -5.49 -4.49
C SER A 41 5.25 -5.88 -4.17
N LEU A 42 4.52 -6.18 -5.22
CA LEU A 42 3.12 -6.52 -5.18
C LEU A 42 2.78 -7.51 -4.10
N THR A 43 3.59 -8.53 -4.00
CA THR A 43 3.31 -9.59 -3.06
C THR A 43 3.43 -9.08 -1.63
N GLN A 44 4.29 -8.09 -1.44
CA GLN A 44 4.56 -7.55 -0.13
C GLN A 44 3.40 -6.72 0.32
N ARG A 45 2.74 -6.08 -0.65
CA ARG A 45 1.56 -5.30 -0.32
C ARG A 45 0.43 -6.21 0.04
N ARG A 46 0.26 -7.30 -0.74
CA ARG A 46 -0.78 -8.29 -0.48
C ARG A 46 -0.57 -8.97 0.85
N ALA A 47 0.69 -9.24 1.14
CA ALA A 47 1.09 -9.91 2.38
C ALA A 47 0.65 -9.15 3.65
N VAL A 48 0.52 -7.85 3.58
CA VAL A 48 0.08 -7.09 4.73
C VAL A 48 -1.38 -6.74 4.60
N GLN A 49 -2.13 -6.94 5.65
CA GLN A 49 -3.49 -6.52 5.67
C GLN A 49 -3.57 -5.01 5.58
N GLY A 50 -2.98 -4.32 6.58
CA GLY A 50 -2.92 -2.85 6.66
C GLY A 50 -4.25 -2.14 6.47
N ARG A 51 -4.67 -2.12 5.24
CA ARG A 51 -5.84 -1.47 4.75
C ARG A 51 -7.08 -2.07 5.37
N ARG A 52 -8.16 -1.34 5.27
CA ARG A 52 -9.43 -1.78 5.82
C ARG A 52 -10.11 -2.78 4.89
N LYS A 53 -9.48 -3.03 3.75
CA LYS A 53 -9.96 -3.91 2.76
C LYS A 53 -8.74 -4.75 2.36
N ARG A 54 -8.93 -5.69 1.44
CA ARG A 54 -7.81 -6.43 0.85
C ARG A 54 -6.97 -5.49 0.06
N PHE A 55 -5.78 -5.86 -0.24
CA PHE A 55 -4.92 -4.98 -0.97
C PHE A 55 -5.40 -4.75 -2.40
N ASP A 56 -5.80 -5.79 -3.05
CA ASP A 56 -6.25 -5.72 -4.44
C ASP A 56 -7.50 -4.92 -4.57
N VAL A 57 -8.38 -5.10 -3.63
CA VAL A 57 -9.65 -4.43 -3.63
C VAL A 57 -9.44 -2.94 -3.36
N LEU A 58 -8.44 -2.69 -2.54
CA LEU A 58 -8.02 -1.40 -2.21
C LEU A 58 -7.34 -0.76 -3.40
N LEU A 59 -6.48 -1.51 -4.04
CA LEU A 59 -5.79 -1.02 -5.19
C LEU A 59 -6.79 -0.72 -6.29
N ALA A 60 -7.87 -1.47 -6.31
CA ALA A 60 -8.93 -1.26 -7.28
C ALA A 60 -9.51 0.15 -7.12
N GLU A 61 -9.64 0.59 -5.88
CA GLU A 61 -10.12 1.91 -5.57
C GLU A 61 -9.04 2.90 -5.98
N HIS A 62 -7.79 2.54 -5.69
CA HIS A 62 -6.68 3.37 -6.04
C HIS A 62 -6.58 3.59 -7.49
N LYS A 63 -6.65 2.56 -8.24
CA LYS A 63 -6.57 2.64 -9.65
C LYS A 63 -7.72 3.35 -10.22
N ASN A 64 -8.80 3.31 -9.58
CA ASN A 64 -9.88 4.09 -10.07
C ASN A 64 -9.59 5.60 -9.94
N LYS A 65 -8.74 5.95 -8.99
CA LYS A 65 -8.26 7.30 -8.85
C LYS A 65 -6.95 7.47 -9.65
N THR A 66 -5.90 6.79 -9.20
CA THR A 66 -4.57 6.88 -9.76
C THR A 66 -4.21 5.58 -10.51
N ARG A 67 -5.03 5.34 -11.41
CA ARG A 67 -4.95 4.34 -12.53
C ARG A 67 -3.61 4.30 -13.33
N GLU A 68 -2.57 4.86 -12.76
CA GLU A 68 -1.27 4.85 -13.33
C GLU A 68 -0.48 3.78 -12.63
N LYS A 69 0.63 3.45 -13.17
CA LYS A 69 1.48 2.40 -12.64
C LYS A 69 2.92 2.76 -13.03
N GLU A 70 3.90 2.14 -12.39
CA GLU A 70 5.26 2.29 -12.86
C GLU A 70 5.41 1.44 -14.10
ZN ZN B . 5.39 0.41 0.54
N ARG A 12 3.49 10.55 6.61
CA ARG A 12 3.38 11.31 7.80
C ARG A 12 2.94 10.46 8.85
N GLU A 13 1.74 10.36 8.91
CA GLU A 13 1.15 9.56 9.78
C GLU A 13 0.59 8.47 8.93
N PHE A 14 1.36 7.45 8.90
CA PHE A 14 0.96 6.18 8.29
C PHE A 14 -0.51 5.94 8.47
N ASP A 15 -1.15 5.80 7.38
CA ASP A 15 -2.55 5.57 7.35
C ASP A 15 -2.82 4.21 6.75
N PRO A 16 -3.09 3.18 7.58
CA PRO A 16 -3.26 1.82 7.09
C PRO A 16 -4.41 1.64 6.10
N ASP A 17 -5.51 2.30 6.37
CA ASP A 17 -6.71 2.19 5.55
C ASP A 17 -6.54 2.80 4.18
N ILE A 18 -5.49 3.58 4.01
CA ILE A 18 -5.32 4.34 2.78
C ILE A 18 -3.95 4.10 2.14
N HIS A 19 -3.06 3.48 2.87
CA HIS A 19 -1.70 3.29 2.41
C HIS A 19 -1.19 1.85 2.42
N CYS A 20 0.04 1.72 1.94
CA CYS A 20 0.75 0.47 1.72
C CYS A 20 0.83 -0.44 2.96
N GLY A 21 1.22 0.12 4.09
CA GLY A 21 1.21 -0.67 5.32
C GLY A 21 2.38 -1.61 5.49
N VAL A 22 3.21 -1.73 4.47
CA VAL A 22 4.30 -2.68 4.54
C VAL A 22 5.37 -2.03 5.25
N ILE A 23 5.65 -2.55 6.37
CA ILE A 23 6.68 -2.04 7.15
C ILE A 23 7.99 -2.24 6.45
N ASP A 24 8.64 -1.16 6.29
CA ASP A 24 9.82 -1.07 5.49
C ASP A 24 10.96 -1.64 6.24
N LEU A 25 11.65 -2.56 5.64
CA LEU A 25 12.76 -3.21 6.28
C LEU A 25 14.03 -2.39 6.26
N ASP A 26 13.97 -1.23 5.64
CA ASP A 26 15.08 -0.34 5.63
C ASP A 26 14.91 0.70 6.72
N THR A 27 13.77 1.35 6.73
CA THR A 27 13.47 2.39 7.68
C THR A 27 12.83 1.84 8.95
N LYS A 28 12.05 0.79 8.79
CA LYS A 28 11.34 0.13 9.87
C LYS A 28 10.25 0.96 10.43
N LYS A 29 9.45 1.31 9.53
CA LYS A 29 8.25 2.03 9.74
C LYS A 29 7.32 1.57 8.66
N PRO A 30 6.03 1.83 8.78
CA PRO A 30 5.11 1.44 7.78
C PRO A 30 5.21 2.25 6.54
N CYS A 31 4.37 1.97 5.62
CA CYS A 31 4.57 2.47 4.42
C CYS A 31 3.43 3.23 3.96
N THR A 32 3.60 4.45 4.01
CA THR A 32 2.63 5.38 3.59
C THR A 32 3.14 6.15 2.36
N ARG A 33 3.41 5.36 1.32
CA ARG A 33 3.76 5.87 0.01
C ARG A 33 2.54 6.06 -0.82
N SER A 34 1.99 4.95 -1.14
CA SER A 34 0.84 4.80 -1.92
C SER A 34 0.49 3.38 -1.78
N LEU A 35 -0.58 3.04 -2.35
CA LEU A 35 -1.07 1.71 -2.35
C LEU A 35 -0.31 0.89 -3.36
N THR A 36 0.18 1.56 -4.33
CA THR A 36 0.85 0.94 -5.46
C THR A 36 2.33 1.21 -5.34
N CYS A 37 2.73 1.35 -4.07
CA CYS A 37 4.07 1.59 -3.59
C CYS A 37 5.14 0.94 -4.48
N LYS A 38 6.12 1.74 -4.85
CA LYS A 38 7.12 1.40 -5.84
C LYS A 38 8.25 0.59 -5.24
N THR A 39 8.36 0.67 -3.95
CA THR A 39 9.45 0.08 -3.25
C THR A 39 9.20 -1.39 -3.06
N HIS A 40 8.00 -1.64 -2.64
CA HIS A 40 7.57 -2.89 -2.16
C HIS A 40 6.85 -3.62 -3.23
N SER A 41 7.16 -4.89 -3.37
CA SER A 41 6.56 -5.69 -4.39
C SER A 41 5.13 -6.02 -4.07
N LEU A 42 4.38 -6.30 -5.13
CA LEU A 42 2.97 -6.64 -5.10
C LEU A 42 2.64 -7.62 -4.01
N THR A 43 3.45 -8.63 -3.90
CA THR A 43 3.21 -9.68 -2.94
C THR A 43 3.27 -9.14 -1.51
N GLN A 44 4.09 -8.15 -1.33
CA GLN A 44 4.35 -7.63 -0.01
C GLN A 44 3.19 -6.77 0.41
N ARG A 45 2.57 -6.10 -0.57
CA ARG A 45 1.42 -5.28 -0.27
C ARG A 45 0.23 -6.18 0.03
N ARG A 46 0.10 -7.29 -0.73
CA ARG A 46 -1.01 -8.21 -0.49
C ARG A 46 -0.87 -8.88 0.86
N ALA A 47 0.36 -9.21 1.19
CA ALA A 47 0.69 -9.88 2.44
C ALA A 47 0.38 -9.03 3.67
N VAL A 48 0.44 -7.73 3.55
CA VAL A 48 0.19 -6.88 4.68
C VAL A 48 -1.27 -6.52 4.80
N GLN A 49 -1.85 -6.88 5.90
CA GLN A 49 -3.21 -6.55 6.18
C GLN A 49 -3.29 -5.18 6.88
N GLY A 50 -3.03 -4.17 6.09
CA GLY A 50 -3.05 -2.81 6.57
C GLY A 50 -4.33 -2.11 6.24
N ARG A 51 -4.82 -2.36 5.07
CA ARG A 51 -5.96 -1.66 4.55
C ARG A 51 -7.22 -2.22 5.14
N ARG A 52 -8.29 -1.51 4.93
CA ARG A 52 -9.61 -1.89 5.41
C ARG A 52 -10.22 -3.04 4.60
N LYS A 53 -9.62 -3.34 3.45
CA LYS A 53 -10.07 -4.35 2.55
C LYS A 53 -8.83 -5.11 2.17
N ARG A 54 -8.92 -6.11 1.30
CA ARG A 54 -7.70 -6.75 0.80
C ARG A 54 -7.00 -5.76 -0.06
N PHE A 55 -5.82 -6.03 -0.40
CA PHE A 55 -5.05 -5.12 -1.19
C PHE A 55 -5.57 -4.96 -2.62
N ASP A 56 -5.98 -6.02 -3.21
CA ASP A 56 -6.41 -6.03 -4.63
C ASP A 56 -7.62 -5.12 -4.82
N VAL A 57 -8.56 -5.31 -3.95
CA VAL A 57 -9.82 -4.60 -3.97
C VAL A 57 -9.63 -3.15 -3.61
N LEU A 58 -8.68 -2.94 -2.77
CA LEU A 58 -8.27 -1.68 -2.35
C LEU A 58 -7.57 -0.97 -3.51
N LEU A 59 -6.67 -1.69 -4.16
CA LEU A 59 -5.92 -1.15 -5.26
C LEU A 59 -6.87 -0.71 -6.34
N ALA A 60 -7.99 -1.41 -6.45
CA ALA A 60 -9.03 -1.07 -7.41
C ALA A 60 -9.51 0.37 -7.15
N GLU A 61 -9.65 0.72 -5.88
CA GLU A 61 -10.05 2.05 -5.47
C GLU A 61 -8.94 3.02 -5.73
N HIS A 62 -7.70 2.55 -5.56
CA HIS A 62 -6.55 3.33 -5.87
C HIS A 62 -6.56 3.64 -7.32
N LYS A 63 -6.76 2.67 -8.12
CA LYS A 63 -6.83 2.84 -9.53
C LYS A 63 -8.01 3.65 -9.95
N ASN A 64 -9.02 3.66 -9.19
CA ASN A 64 -10.10 4.54 -9.55
C ASN A 64 -9.66 6.03 -9.38
N LYS A 65 -8.72 6.27 -8.47
CA LYS A 65 -8.13 7.58 -8.30
C LYS A 65 -6.86 7.72 -9.18
N THR A 66 -5.86 6.94 -8.84
CA THR A 66 -4.57 6.96 -9.47
C THR A 66 -4.35 5.65 -10.25
N ARG A 67 -5.21 5.51 -11.15
CA ARG A 67 -5.22 4.50 -12.23
C ARG A 67 -3.91 4.40 -13.04
N GLU A 68 -3.00 5.30 -12.81
CA GLU A 68 -1.72 5.24 -13.43
C GLU A 68 -0.81 4.29 -12.65
N LYS A 69 -0.60 3.16 -13.23
CA LYS A 69 0.24 2.13 -12.68
C LYS A 69 1.54 2.10 -13.47
N GLU A 70 2.63 1.78 -12.81
CA GLU A 70 3.85 1.52 -13.50
C GLU A 70 3.66 0.14 -14.12
ZN ZN B . 5.48 0.27 0.59
N ARG A 12 3.75 10.62 7.06
CA ARG A 12 3.28 11.34 8.22
C ARG A 12 2.58 10.47 9.16
N GLU A 13 1.39 10.35 8.93
CA GLU A 13 0.61 9.61 9.73
C GLU A 13 0.18 8.42 8.93
N PHE A 14 1.01 7.43 9.05
CA PHE A 14 0.68 6.09 8.55
C PHE A 14 -0.78 5.79 8.69
N ASP A 15 -1.37 5.56 7.59
CA ASP A 15 -2.75 5.24 7.53
C ASP A 15 -2.88 3.87 6.96
N PRO A 16 -3.02 2.83 7.79
CA PRO A 16 -3.10 1.47 7.30
C PRO A 16 -4.30 1.26 6.42
N ASP A 17 -5.37 1.91 6.78
CA ASP A 17 -6.64 1.79 6.12
C ASP A 17 -6.60 2.32 4.70
N ILE A 18 -5.58 3.11 4.38
CA ILE A 18 -5.53 3.76 3.09
C ILE A 18 -4.20 3.50 2.37
N HIS A 19 -3.19 3.18 3.13
CA HIS A 19 -1.86 3.04 2.58
C HIS A 19 -1.33 1.62 2.55
N CYS A 20 -0.10 1.54 2.10
CA CYS A 20 0.64 0.30 1.89
C CYS A 20 0.73 -0.58 3.14
N GLY A 21 1.12 -0.01 4.28
CA GLY A 21 1.14 -0.78 5.52
C GLY A 21 2.26 -1.80 5.62
N VAL A 22 3.08 -1.88 4.62
CA VAL A 22 4.15 -2.87 4.63
C VAL A 22 5.28 -2.22 5.25
N ILE A 23 5.69 -2.74 6.32
CA ILE A 23 6.76 -2.19 7.02
C ILE A 23 8.01 -2.25 6.22
N ASP A 24 8.57 -1.10 6.07
CA ASP A 24 9.61 -0.87 5.16
C ASP A 24 10.89 -1.30 5.80
N LEU A 25 11.68 -2.02 5.09
CA LEU A 25 12.93 -2.50 5.61
C LEU A 25 14.01 -1.44 5.58
N ASP A 26 13.80 -0.43 4.76
CA ASP A 26 14.73 0.67 4.65
C ASP A 26 14.56 1.60 5.82
N THR A 27 13.34 1.83 6.21
CA THR A 27 13.05 2.76 7.28
C THR A 27 12.60 2.08 8.58
N LYS A 28 12.01 0.90 8.44
CA LYS A 28 11.52 0.07 9.57
C LYS A 28 10.40 0.70 10.30
N LYS A 29 9.52 1.13 9.50
CA LYS A 29 8.31 1.78 9.86
C LYS A 29 7.31 1.36 8.83
N PRO A 30 6.03 1.64 8.99
CA PRO A 30 5.08 1.27 8.00
C PRO A 30 5.20 2.07 6.75
N CYS A 31 4.32 1.82 5.86
CA CYS A 31 4.49 2.32 4.64
C CYS A 31 3.33 3.06 4.20
N THR A 32 3.47 4.27 4.27
CA THR A 32 2.48 5.16 3.85
C THR A 32 3.01 5.95 2.64
N ARG A 33 3.32 5.18 1.61
CA ARG A 33 3.70 5.72 0.34
C ARG A 33 2.47 5.96 -0.48
N SER A 34 1.90 4.89 -0.89
CA SER A 34 0.72 4.90 -1.63
C SER A 34 0.18 3.54 -1.61
N LEU A 35 -0.93 3.41 -2.24
CA LEU A 35 -1.66 2.21 -2.34
C LEU A 35 -0.98 1.29 -3.34
N THR A 36 -0.08 1.85 -4.11
CA THR A 36 0.58 1.15 -5.19
C THR A 36 2.10 1.24 -5.01
N CYS A 37 2.51 1.45 -3.75
CA CYS A 37 3.91 1.58 -3.30
C CYS A 37 4.94 0.87 -4.19
N LYS A 38 5.88 1.64 -4.68
CA LYS A 38 6.86 1.26 -5.66
C LYS A 38 8.05 0.52 -5.04
N THR A 39 8.16 0.62 -3.76
CA THR A 39 9.27 0.06 -3.05
C THR A 39 9.06 -1.42 -2.87
N HIS A 40 7.84 -1.71 -2.56
CA HIS A 40 7.43 -2.98 -2.10
C HIS A 40 6.74 -3.69 -3.18
N SER A 41 7.03 -4.93 -3.32
CA SER A 41 6.45 -5.73 -4.33
C SER A 41 5.04 -6.12 -4.05
N LEU A 42 4.32 -6.38 -5.12
CA LEU A 42 2.91 -6.70 -5.12
C LEU A 42 2.54 -7.70 -4.06
N THR A 43 3.30 -8.76 -3.98
CA THR A 43 2.97 -9.82 -3.07
C THR A 43 3.06 -9.34 -1.62
N GLN A 44 3.93 -8.39 -1.40
CA GLN A 44 4.17 -7.90 -0.05
C GLN A 44 3.01 -7.04 0.37
N ARG A 45 2.42 -6.32 -0.58
CA ARG A 45 1.28 -5.50 -0.26
C ARG A 45 0.09 -6.38 0.06
N ARG A 46 -0.10 -7.45 -0.73
CA ARG A 46 -1.20 -8.38 -0.48
C ARG A 46 -0.96 -9.12 0.85
N ALA A 47 0.30 -9.33 1.17
CA ALA A 47 0.73 -10.04 2.37
C ALA A 47 0.44 -9.26 3.67
N VAL A 48 0.43 -7.95 3.61
CA VAL A 48 0.21 -7.18 4.82
C VAL A 48 -1.28 -6.89 5.02
N GLN A 49 -1.71 -7.01 6.24
CA GLN A 49 -3.10 -6.81 6.67
C GLN A 49 -3.40 -5.33 6.98
N GLY A 50 -2.68 -4.44 6.33
CA GLY A 50 -2.75 -3.02 6.61
C GLY A 50 -4.11 -2.37 6.39
N ARG A 51 -4.64 -2.53 5.22
CA ARG A 51 -5.82 -1.83 4.76
C ARG A 51 -7.09 -2.32 5.43
N ARG A 52 -8.12 -1.54 5.27
CA ARG A 52 -9.43 -1.87 5.80
C ARG A 52 -10.18 -2.80 4.86
N LYS A 53 -9.58 -3.03 3.70
CA LYS A 53 -10.10 -3.85 2.68
C LYS A 53 -8.94 -4.75 2.30
N ARG A 54 -9.10 -5.61 1.34
CA ARG A 54 -7.95 -6.38 0.86
C ARG A 54 -7.09 -5.43 0.06
N PHE A 55 -5.97 -5.87 -0.32
CA PHE A 55 -5.09 -5.03 -1.05
C PHE A 55 -5.56 -4.77 -2.48
N ASP A 56 -5.99 -5.78 -3.14
CA ASP A 56 -6.38 -5.69 -4.54
C ASP A 56 -7.55 -4.75 -4.71
N VAL A 57 -8.49 -4.86 -3.79
CA VAL A 57 -9.69 -4.05 -3.82
C VAL A 57 -9.37 -2.61 -3.51
N LEU A 58 -8.40 -2.46 -2.68
CA LEU A 58 -7.89 -1.21 -2.27
C LEU A 58 -7.12 -0.59 -3.44
N LEU A 59 -6.32 -1.39 -4.10
CA LEU A 59 -5.53 -0.91 -5.22
C LEU A 59 -6.48 -0.52 -6.34
N ALA A 60 -7.59 -1.20 -6.40
CA ALA A 60 -8.62 -0.92 -7.40
C ALA A 60 -9.15 0.50 -7.21
N GLU A 61 -9.22 0.94 -5.97
CA GLU A 61 -9.65 2.27 -5.64
C GLU A 61 -8.56 3.22 -6.07
N HIS A 62 -7.31 2.80 -5.85
CA HIS A 62 -6.17 3.56 -6.28
C HIS A 62 -6.18 3.74 -7.75
N LYS A 63 -6.32 2.68 -8.47
CA LYS A 63 -6.38 2.73 -9.90
C LYS A 63 -7.58 3.45 -10.40
N ASN A 64 -8.60 3.49 -9.66
CA ASN A 64 -9.71 4.29 -10.10
C ASN A 64 -9.38 5.79 -10.04
N LYS A 65 -8.51 6.20 -9.13
CA LYS A 65 -8.03 7.55 -9.12
C LYS A 65 -6.75 7.66 -9.97
N THR A 66 -5.73 6.99 -9.50
CA THR A 66 -4.41 7.02 -10.05
C THR A 66 -4.06 5.67 -10.72
N ARG A 67 -4.88 5.38 -11.61
CA ARG A 67 -4.82 4.34 -12.68
C ARG A 67 -3.49 4.29 -13.48
N GLU A 68 -2.45 4.87 -12.95
CA GLU A 68 -1.17 4.90 -13.56
C GLU A 68 -0.19 4.16 -12.68
N LYS A 69 0.19 3.00 -13.11
CA LYS A 69 1.14 2.16 -12.41
C LYS A 69 2.53 2.67 -12.73
N GLU A 70 3.44 2.66 -11.76
CA GLU A 70 4.82 3.01 -12.02
C GLU A 70 5.46 1.78 -12.67
ZN ZN B . 5.35 0.10 0.79
N ARG A 12 4.15 10.02 6.38
CA ARG A 12 2.97 10.76 6.61
C ARG A 12 2.42 10.24 7.86
N GLU A 13 1.32 10.67 8.22
CA GLU A 13 0.69 10.04 9.26
C GLU A 13 0.20 8.72 8.65
N PHE A 14 1.07 7.72 8.80
CA PHE A 14 0.80 6.38 8.34
C PHE A 14 -0.65 6.05 8.50
N ASP A 15 -1.27 5.90 7.41
CA ASP A 15 -2.65 5.54 7.39
C ASP A 15 -2.77 4.15 6.89
N PRO A 16 -2.97 3.17 7.76
CA PRO A 16 -3.05 1.80 7.30
C PRO A 16 -4.22 1.55 6.42
N ASP A 17 -5.34 2.16 6.74
CA ASP A 17 -6.58 1.95 6.01
C ASP A 17 -6.49 2.43 4.58
N ILE A 18 -5.55 3.33 4.33
CA ILE A 18 -5.47 3.98 3.04
C ILE A 18 -4.15 3.70 2.32
N HIS A 19 -3.10 3.47 3.08
CA HIS A 19 -1.78 3.34 2.53
C HIS A 19 -1.24 1.93 2.51
N CYS A 20 0.00 1.85 2.06
CA CYS A 20 0.74 0.60 1.86
C CYS A 20 0.80 -0.29 3.11
N GLY A 21 1.20 0.26 4.24
CA GLY A 21 1.19 -0.52 5.48
C GLY A 21 2.23 -1.59 5.53
N VAL A 22 3.16 -1.57 4.61
CA VAL A 22 4.20 -2.56 4.60
C VAL A 22 5.30 -1.96 5.30
N ILE A 23 5.57 -2.51 6.41
CA ILE A 23 6.61 -2.06 7.20
C ILE A 23 7.90 -2.42 6.56
N ASP A 24 8.69 -1.43 6.38
CA ASP A 24 9.88 -1.53 5.61
C ASP A 24 10.95 -2.17 6.43
N LEU A 25 11.74 -2.97 5.83
CA LEU A 25 12.81 -3.64 6.52
C LEU A 25 14.04 -2.76 6.73
N ASP A 26 14.13 -1.66 6.02
CA ASP A 26 15.22 -0.72 6.22
C ASP A 26 14.83 0.25 7.24
N THR A 27 13.74 0.90 6.99
CA THR A 27 13.31 1.92 7.84
C THR A 27 12.58 1.36 9.07
N LYS A 28 11.94 0.20 8.90
CA LYS A 28 11.22 -0.54 9.97
C LYS A 28 10.09 0.21 10.56
N LYS A 29 9.46 0.85 9.70
CA LYS A 29 8.32 1.62 9.95
C LYS A 29 7.41 1.43 8.79
N PRO A 30 6.15 1.82 8.88
CA PRO A 30 5.23 1.58 7.84
C PRO A 30 5.43 2.39 6.63
N CYS A 31 4.51 2.22 5.74
CA CYS A 31 4.67 2.72 4.51
C CYS A 31 3.48 3.43 4.08
N THR A 32 3.59 4.64 4.08
CA THR A 32 2.56 5.51 3.68
C THR A 32 2.94 6.27 2.37
N ARG A 33 3.33 5.47 1.38
CA ARG A 33 3.60 5.99 0.05
C ARG A 33 2.34 6.15 -0.71
N SER A 34 1.77 5.04 -1.06
CA SER A 34 0.57 5.01 -1.80
C SER A 34 -0.01 3.64 -1.71
N LEU A 35 -1.10 3.50 -2.39
CA LEU A 35 -1.84 2.30 -2.47
C LEU A 35 -1.20 1.39 -3.51
N THR A 36 -0.19 1.92 -4.17
CA THR A 36 0.49 1.20 -5.22
C THR A 36 2.02 1.40 -5.06
N CYS A 37 2.44 1.55 -3.79
CA CYS A 37 3.85 1.74 -3.37
C CYS A 37 4.87 1.07 -4.29
N LYS A 38 5.78 1.87 -4.79
CA LYS A 38 6.72 1.48 -5.81
C LYS A 38 7.91 0.73 -5.24
N THR A 39 8.09 0.83 -3.96
CA THR A 39 9.25 0.30 -3.32
C THR A 39 9.05 -1.16 -2.96
N HIS A 40 7.84 -1.44 -2.63
CA HIS A 40 7.47 -2.72 -2.15
C HIS A 40 6.77 -3.43 -3.23
N SER A 41 7.15 -4.65 -3.48
CA SER A 41 6.55 -5.41 -4.53
C SER A 41 5.15 -5.80 -4.22
N LEU A 42 4.43 -6.09 -5.27
CA LEU A 42 3.04 -6.43 -5.26
C LEU A 42 2.71 -7.48 -4.23
N THR A 43 3.55 -8.48 -4.15
CA THR A 43 3.31 -9.57 -3.23
C THR A 43 3.37 -9.07 -1.79
N GLN A 44 4.18 -8.05 -1.58
CA GLN A 44 4.44 -7.56 -0.24
C GLN A 44 3.28 -6.70 0.19
N ARG A 45 2.62 -6.07 -0.76
CA ARG A 45 1.45 -5.31 -0.43
C ARG A 45 0.31 -6.26 -0.12
N ARG A 46 0.21 -7.34 -0.92
CA ARG A 46 -0.82 -8.37 -0.69
C ARG A 46 -0.57 -9.12 0.61
N ALA A 47 0.69 -9.26 0.95
CA ALA A 47 1.12 -9.91 2.19
C ALA A 47 0.57 -9.24 3.43
N VAL A 48 0.69 -7.93 3.50
CA VAL A 48 0.23 -7.20 4.67
C VAL A 48 -1.25 -6.89 4.55
N GLN A 49 -1.93 -6.96 5.66
CA GLN A 49 -3.30 -6.57 5.70
C GLN A 49 -3.40 -5.06 5.57
N GLY A 50 -2.78 -4.34 6.53
CA GLY A 50 -2.72 -2.88 6.57
C GLY A 50 -4.05 -2.15 6.44
N ARG A 51 -4.55 -2.17 5.26
CA ARG A 51 -5.68 -1.45 4.81
C ARG A 51 -6.96 -1.87 5.48
N ARG A 52 -7.97 -1.14 5.17
CA ARG A 52 -9.31 -1.38 5.61
C ARG A 52 -9.90 -2.62 4.91
N LYS A 53 -9.33 -2.98 3.76
CA LYS A 53 -9.78 -4.03 2.91
C LYS A 53 -8.56 -4.80 2.42
N ARG A 54 -8.79 -5.78 1.56
CA ARG A 54 -7.70 -6.49 0.88
C ARG A 54 -6.91 -5.51 0.06
N PHE A 55 -5.73 -5.87 -0.27
CA PHE A 55 -4.89 -4.98 -1.01
C PHE A 55 -5.39 -4.73 -2.42
N ASP A 56 -5.80 -5.76 -3.06
CA ASP A 56 -6.21 -5.69 -4.46
C ASP A 56 -7.48 -4.89 -4.61
N VAL A 57 -8.34 -5.04 -3.64
CA VAL A 57 -9.62 -4.37 -3.64
C VAL A 57 -9.39 -2.88 -3.35
N LEU A 58 -8.41 -2.63 -2.53
CA LEU A 58 -7.97 -1.34 -2.19
C LEU A 58 -7.28 -0.70 -3.38
N LEU A 59 -6.44 -1.46 -4.03
CA LEU A 59 -5.73 -1.00 -5.18
C LEU A 59 -6.74 -0.68 -6.28
N ALA A 60 -7.85 -1.39 -6.28
CA ALA A 60 -8.92 -1.16 -7.22
C ALA A 60 -9.48 0.25 -7.04
N GLU A 61 -9.51 0.73 -5.80
CA GLU A 61 -9.92 2.08 -5.50
C GLU A 61 -8.86 3.03 -6.02
N HIS A 62 -7.61 2.65 -5.76
CA HIS A 62 -6.47 3.40 -6.26
C HIS A 62 -6.53 3.53 -7.74
N LYS A 63 -6.74 2.46 -8.43
CA LYS A 63 -6.86 2.48 -9.86
C LYS A 63 -8.08 3.18 -10.30
N ASN A 64 -9.07 3.24 -9.53
CA ASN A 64 -10.18 4.06 -9.94
C ASN A 64 -9.78 5.55 -10.02
N LYS A 65 -8.85 5.94 -9.17
CA LYS A 65 -8.29 7.27 -9.21
C LYS A 65 -7.04 7.33 -10.13
N THR A 66 -6.01 6.64 -9.72
CA THR A 66 -4.71 6.63 -10.37
C THR A 66 -4.53 5.33 -11.18
N ARG A 67 -5.52 5.13 -11.92
CA ARG A 67 -5.74 4.12 -12.99
C ARG A 67 -4.60 3.94 -14.01
N GLU A 68 -3.43 4.46 -13.76
CA GLU A 68 -2.33 4.23 -14.60
C GLU A 68 -1.14 3.60 -13.89
N LYS A 69 -0.80 2.45 -14.38
CA LYS A 69 0.33 1.68 -13.95
C LYS A 69 1.02 1.22 -15.22
N GLU A 70 2.25 0.76 -15.15
CA GLU A 70 2.96 0.24 -16.31
C GLU A 70 2.34 -1.08 -16.76
ZN ZN B . 5.49 0.39 0.72
N ARG A 12 4.11 10.41 6.45
CA ARG A 12 3.18 11.27 7.06
C ARG A 12 2.50 10.46 8.07
N GLU A 13 1.33 10.81 8.43
CA GLU A 13 0.65 9.99 9.32
C GLU A 13 0.21 8.75 8.54
N PHE A 14 1.02 7.74 8.67
CA PHE A 14 0.67 6.40 8.21
C PHE A 14 -0.82 6.11 8.37
N ASP A 15 -1.40 5.71 7.29
CA ASP A 15 -2.80 5.35 7.26
C ASP A 15 -2.90 3.93 6.81
N PRO A 16 -3.14 2.98 7.71
CA PRO A 16 -3.23 1.58 7.32
C PRO A 16 -4.35 1.29 6.34
N ASP A 17 -5.50 1.87 6.58
CA ASP A 17 -6.70 1.63 5.76
C ASP A 17 -6.51 2.03 4.34
N ILE A 18 -5.62 2.94 4.13
CA ILE A 18 -5.49 3.55 2.84
C ILE A 18 -4.13 3.29 2.20
N HIS A 19 -3.11 3.19 3.00
CA HIS A 19 -1.77 3.11 2.49
C HIS A 19 -1.20 1.72 2.47
N CYS A 20 0.04 1.67 2.05
CA CYS A 20 0.78 0.45 1.84
C CYS A 20 0.89 -0.42 3.11
N GLY A 21 1.27 0.18 4.23
CA GLY A 21 1.30 -0.58 5.49
C GLY A 21 2.43 -1.58 5.57
N VAL A 22 3.25 -1.62 4.55
CA VAL A 22 4.33 -2.58 4.54
C VAL A 22 5.43 -1.93 5.18
N ILE A 23 5.78 -2.46 6.27
CA ILE A 23 6.81 -1.92 7.00
C ILE A 23 8.12 -2.14 6.30
N ASP A 24 8.82 -1.07 6.18
CA ASP A 24 9.99 -1.00 5.37
C ASP A 24 11.11 -1.60 6.12
N LEU A 25 11.87 -2.43 5.50
CA LEU A 25 12.96 -3.07 6.17
C LEU A 25 14.18 -2.17 6.29
N ASP A 26 14.22 -1.13 5.47
CA ASP A 26 15.31 -0.21 5.51
C ASP A 26 15.10 0.76 6.64
N THR A 27 13.94 1.38 6.65
CA THR A 27 13.61 2.37 7.64
C THR A 27 12.93 1.79 8.88
N LYS A 28 12.24 0.69 8.70
CA LYS A 28 11.53 -0.01 9.76
C LYS A 28 10.45 0.78 10.38
N LYS A 29 9.63 1.20 9.49
CA LYS A 29 8.45 1.94 9.72
C LYS A 29 7.51 1.65 8.60
N PRO A 30 6.22 1.97 8.73
CA PRO A 30 5.26 1.61 7.76
C PRO A 30 5.38 2.37 6.49
N CYS A 31 4.44 2.19 5.66
CA CYS A 31 4.60 2.66 4.44
C CYS A 31 3.44 3.39 3.95
N THR A 32 3.51 4.62 4.10
CA THR A 32 2.52 5.49 3.59
C THR A 32 3.06 6.17 2.32
N ARG A 33 3.40 5.32 1.35
CA ARG A 33 3.79 5.77 0.05
C ARG A 33 2.58 6.01 -0.77
N SER A 34 1.86 4.94 -0.97
CA SER A 34 0.64 4.96 -1.70
C SER A 34 0.05 3.59 -1.63
N LEU A 35 -1.04 3.47 -2.33
CA LEU A 35 -1.79 2.26 -2.44
C LEU A 35 -1.15 1.40 -3.52
N THR A 36 -0.19 1.97 -4.20
CA THR A 36 0.49 1.36 -5.31
C THR A 36 2.00 1.58 -5.10
N CYS A 37 2.41 1.38 -3.86
CA CYS A 37 3.80 1.52 -3.44
C CYS A 37 4.78 0.79 -4.38
N LYS A 38 5.66 1.54 -4.94
CA LYS A 38 6.59 1.13 -5.96
C LYS A 38 7.81 0.44 -5.37
N THR A 39 8.00 0.61 -4.10
CA THR A 39 9.16 0.11 -3.44
C THR A 39 8.99 -1.38 -3.19
N HIS A 40 7.84 -1.65 -2.69
CA HIS A 40 7.47 -2.92 -2.16
C HIS A 40 6.77 -3.71 -3.20
N SER A 41 7.02 -4.99 -3.24
CA SER A 41 6.42 -5.82 -4.22
C SER A 41 5.01 -6.20 -3.90
N LEU A 42 4.29 -6.53 -4.94
CA LEU A 42 2.89 -6.87 -4.93
C LEU A 42 2.53 -7.82 -3.81
N THR A 43 3.32 -8.84 -3.65
CA THR A 43 3.00 -9.84 -2.67
C THR A 43 3.10 -9.26 -1.26
N GLN A 44 3.97 -8.29 -1.10
CA GLN A 44 4.25 -7.71 0.20
C GLN A 44 3.11 -6.82 0.60
N ARG A 45 2.48 -6.19 -0.40
CA ARG A 45 1.33 -5.35 -0.12
C ARG A 45 0.16 -6.23 0.25
N ARG A 46 -0.03 -7.32 -0.51
CA ARG A 46 -1.13 -8.25 -0.27
C ARG A 46 -0.99 -8.92 1.08
N ALA A 47 0.24 -9.26 1.41
CA ALA A 47 0.56 -9.93 2.67
C ALA A 47 0.22 -9.10 3.90
N VAL A 48 0.42 -7.80 3.83
CA VAL A 48 0.17 -6.96 4.98
C VAL A 48 -1.29 -6.56 5.08
N GLN A 49 -1.90 -6.95 6.15
CA GLN A 49 -3.27 -6.60 6.41
C GLN A 49 -3.36 -5.21 7.04
N GLY A 50 -2.89 -4.24 6.30
CA GLY A 50 -2.93 -2.86 6.72
C GLY A 50 -4.25 -2.25 6.42
N ARG A 51 -4.63 -2.38 5.17
CA ARG A 51 -5.86 -1.85 4.66
C ARG A 51 -7.03 -2.57 5.27
N ARG A 52 -8.18 -1.98 5.16
CA ARG A 52 -9.37 -2.56 5.77
C ARG A 52 -10.01 -3.59 4.86
N LYS A 53 -9.51 -3.69 3.66
CA LYS A 53 -10.02 -4.54 2.65
C LYS A 53 -8.82 -5.29 2.09
N ARG A 54 -9.03 -6.12 1.08
CA ARG A 54 -7.91 -6.74 0.36
C ARG A 54 -7.05 -5.66 -0.24
N PHE A 55 -5.85 -5.99 -0.54
CA PHE A 55 -4.98 -5.03 -1.13
C PHE A 55 -5.42 -4.74 -2.56
N ASP A 56 -5.85 -5.75 -3.21
CA ASP A 56 -6.20 -5.65 -4.62
C ASP A 56 -7.43 -4.79 -4.79
N VAL A 57 -8.40 -5.01 -3.93
CA VAL A 57 -9.65 -4.28 -3.94
C VAL A 57 -9.39 -2.82 -3.59
N LEU A 58 -8.42 -2.63 -2.75
CA LEU A 58 -7.97 -1.36 -2.33
C LEU A 58 -7.28 -0.66 -3.49
N LEU A 59 -6.42 -1.39 -4.17
CA LEU A 59 -5.70 -0.84 -5.30
C LEU A 59 -6.68 -0.48 -6.39
N ALA A 60 -7.78 -1.21 -6.47
CA ALA A 60 -8.84 -0.93 -7.43
C ALA A 60 -9.38 0.50 -7.22
N GLU A 61 -9.49 0.89 -5.96
CA GLU A 61 -9.92 2.22 -5.59
C GLU A 61 -8.85 3.22 -5.98
N HIS A 62 -7.60 2.81 -5.81
CA HIS A 62 -6.47 3.60 -6.22
C HIS A 62 -6.51 3.86 -7.68
N LYS A 63 -6.61 2.84 -8.47
CA LYS A 63 -6.67 2.98 -9.91
C LYS A 63 -7.86 3.75 -10.38
N ASN A 64 -8.88 3.74 -9.63
CA ASN A 64 -10.01 4.57 -9.95
C ASN A 64 -9.63 6.07 -9.83
N LYS A 65 -8.72 6.39 -8.92
CA LYS A 65 -8.17 7.73 -8.78
C LYS A 65 -6.88 7.90 -9.61
N THR A 66 -5.90 7.10 -9.29
CA THR A 66 -4.61 7.08 -9.88
C THR A 66 -4.37 5.68 -10.49
N ARG A 67 -4.70 5.63 -11.66
CA ARG A 67 -4.74 4.52 -12.58
C ARG A 67 -3.37 4.29 -13.24
N GLU A 68 -2.35 4.85 -12.67
CA GLU A 68 -1.03 4.64 -13.10
C GLU A 68 -0.39 3.65 -12.17
N LYS A 69 0.55 2.96 -12.68
CA LYS A 69 1.13 1.82 -11.99
C LYS A 69 2.58 2.15 -11.48
N GLU A 70 3.25 1.15 -10.92
CA GLU A 70 4.58 1.29 -10.32
C GLU A 70 5.69 0.94 -11.31
ZN ZN B . 5.50 0.30 0.65
N ARG A 12 3.35 10.31 6.15
CA ARG A 12 2.34 11.08 6.72
C ARG A 12 1.99 10.38 7.92
N GLU A 13 0.89 10.70 8.46
CA GLU A 13 0.42 9.90 9.45
C GLU A 13 -0.08 8.66 8.71
N PHE A 14 0.77 7.67 8.75
CA PHE A 14 0.50 6.34 8.18
C PHE A 14 -0.97 6.00 8.23
N ASP A 15 -1.48 5.79 7.08
CA ASP A 15 -2.87 5.49 6.90
C ASP A 15 -2.99 4.09 6.38
N PRO A 16 -3.27 3.11 7.21
CA PRO A 16 -3.33 1.72 6.75
C PRO A 16 -4.43 1.43 5.76
N ASP A 17 -5.54 2.10 5.91
CA ASP A 17 -6.65 1.94 4.97
C ASP A 17 -6.29 2.41 3.58
N ILE A 18 -5.43 3.37 3.53
CA ILE A 18 -5.21 4.05 2.26
C ILE A 18 -3.80 3.85 1.74
N HIS A 19 -2.95 3.37 2.58
CA HIS A 19 -1.59 3.21 2.24
C HIS A 19 -1.09 1.80 2.32
N CYS A 20 0.16 1.64 1.95
CA CYS A 20 0.83 0.37 1.77
C CYS A 20 0.87 -0.47 3.05
N GLY A 21 1.18 0.13 4.18
CA GLY A 21 1.13 -0.61 5.44
C GLY A 21 2.19 -1.67 5.62
N VAL A 22 3.07 -1.82 4.66
CA VAL A 22 4.10 -2.84 4.76
C VAL A 22 5.19 -2.17 5.42
N ILE A 23 5.54 -2.66 6.53
CA ILE A 23 6.57 -2.09 7.25
C ILE A 23 7.87 -2.23 6.50
N ASP A 24 8.44 -1.10 6.26
CA ASP A 24 9.52 -0.93 5.37
C ASP A 24 10.78 -1.34 6.03
N LEU A 25 11.53 -2.15 5.41
CA LEU A 25 12.76 -2.60 5.97
C LEU A 25 13.89 -1.58 5.82
N ASP A 26 13.68 -0.59 4.98
CA ASP A 26 14.65 0.48 4.83
C ASP A 26 14.45 1.49 5.93
N THR A 27 13.22 1.93 6.08
CA THR A 27 12.90 2.93 7.06
C THR A 27 12.43 2.35 8.41
N LYS A 28 11.86 1.16 8.37
CA LYS A 28 11.37 0.43 9.57
C LYS A 28 10.25 1.11 10.24
N LYS A 29 9.34 1.41 9.44
CA LYS A 29 8.13 2.05 9.77
C LYS A 29 7.16 1.64 8.74
N PRO A 30 5.87 1.94 8.89
CA PRO A 30 4.94 1.52 7.92
C PRO A 30 5.09 2.26 6.66
N CYS A 31 4.27 1.97 5.74
CA CYS A 31 4.53 2.41 4.52
C CYS A 31 3.44 3.22 3.98
N THR A 32 3.57 4.45 4.14
CA THR A 32 2.63 5.35 3.63
C THR A 32 3.24 6.09 2.42
N ARG A 33 3.56 5.28 1.42
CA ARG A 33 3.99 5.77 0.14
C ARG A 33 2.82 5.93 -0.76
N SER A 34 2.31 4.81 -1.15
CA SER A 34 1.19 4.67 -1.97
C SER A 34 0.87 3.22 -1.92
N LEU A 35 -0.15 2.85 -2.58
CA LEU A 35 -0.58 1.51 -2.68
C LEU A 35 0.19 0.80 -3.73
N THR A 36 0.79 1.57 -4.56
CA THR A 36 1.58 1.08 -5.64
C THR A 36 3.03 1.40 -5.32
N CYS A 37 3.29 1.39 -4.01
CA CYS A 37 4.58 1.54 -3.38
C CYS A 37 5.68 0.85 -4.20
N LYS A 38 6.70 1.60 -4.55
CA LYS A 38 7.73 1.20 -5.45
C LYS A 38 8.84 0.39 -4.75
N THR A 39 8.75 0.32 -3.46
CA THR A 39 9.76 -0.33 -2.68
C THR A 39 9.39 -1.79 -2.45
N HIS A 40 8.12 -1.99 -2.35
CA HIS A 40 7.58 -3.23 -1.94
C HIS A 40 6.86 -3.84 -3.07
N SER A 41 7.06 -5.09 -3.28
CA SER A 41 6.43 -5.78 -4.34
C SER A 41 5.00 -6.08 -4.04
N LEU A 42 4.25 -6.28 -5.11
CA LEU A 42 2.82 -6.51 -5.10
C LEU A 42 2.42 -7.54 -4.08
N THR A 43 3.16 -8.60 -4.02
CA THR A 43 2.82 -9.68 -3.14
C THR A 43 2.91 -9.25 -1.68
N GLN A 44 3.80 -8.31 -1.43
CA GLN A 44 4.07 -7.87 -0.08
C GLN A 44 2.97 -6.95 0.38
N ARG A 45 2.39 -6.22 -0.57
CA ARG A 45 1.29 -5.37 -0.21
C ARG A 45 0.09 -6.23 0.08
N ARG A 46 -0.11 -7.30 -0.74
CA ARG A 46 -1.19 -8.26 -0.52
C ARG A 46 -1.00 -8.97 0.81
N ALA A 47 0.24 -9.27 1.12
CA ALA A 47 0.62 -9.95 2.35
C ALA A 47 0.21 -9.19 3.62
N VAL A 48 0.39 -7.89 3.65
CA VAL A 48 0.06 -7.14 4.85
C VAL A 48 -1.43 -6.74 4.87
N GLN A 49 -2.09 -7.01 5.97
CA GLN A 49 -3.48 -6.65 6.15
C GLN A 49 -3.63 -5.29 6.83
N GLY A 50 -2.83 -4.33 6.36
CA GLY A 50 -2.88 -2.96 6.84
C GLY A 50 -4.21 -2.33 6.53
N ARG A 51 -4.65 -2.57 5.34
CA ARG A 51 -5.86 -2.02 4.83
C ARG A 51 -7.03 -2.80 5.43
N ARG A 52 -8.19 -2.22 5.37
CA ARG A 52 -9.39 -2.82 5.95
C ARG A 52 -10.18 -3.62 4.92
N LYS A 53 -9.59 -3.80 3.77
CA LYS A 53 -10.17 -4.50 2.68
C LYS A 53 -9.00 -5.28 2.10
N ARG A 54 -9.22 -6.14 1.12
CA ARG A 54 -8.09 -6.83 0.43
C ARG A 54 -7.25 -5.77 -0.20
N PHE A 55 -6.06 -6.09 -0.50
CA PHE A 55 -5.20 -5.12 -1.09
C PHE A 55 -5.62 -4.82 -2.51
N ASP A 56 -6.05 -5.80 -3.20
CA ASP A 56 -6.44 -5.66 -4.59
C ASP A 56 -7.67 -4.80 -4.72
N VAL A 57 -8.58 -4.95 -3.77
CA VAL A 57 -9.83 -4.21 -3.77
C VAL A 57 -9.57 -2.78 -3.36
N LEU A 58 -8.62 -2.65 -2.49
CA LEU A 58 -8.15 -1.44 -2.01
C LEU A 58 -7.41 -0.71 -3.14
N LEU A 59 -6.56 -1.45 -3.85
CA LEU A 59 -5.80 -0.91 -4.94
C LEU A 59 -6.75 -0.46 -6.04
N ALA A 60 -7.90 -1.13 -6.11
CA ALA A 60 -8.93 -0.77 -7.05
C ALA A 60 -9.42 0.66 -6.78
N GLU A 61 -9.46 1.03 -5.51
CA GLU A 61 -9.83 2.36 -5.10
C GLU A 61 -8.70 3.31 -5.51
N HIS A 62 -7.45 2.84 -5.40
CA HIS A 62 -6.30 3.58 -5.89
C HIS A 62 -6.42 3.81 -7.32
N LYS A 63 -6.70 2.79 -8.07
CA LYS A 63 -6.84 2.94 -9.49
C LYS A 63 -8.00 3.79 -9.85
N ASN A 64 -9.02 3.76 -9.11
CA ASN A 64 -10.11 4.65 -9.40
C ASN A 64 -9.70 6.13 -9.19
N LYS A 65 -8.69 6.32 -8.37
CA LYS A 65 -8.09 7.62 -8.12
C LYS A 65 -6.93 7.85 -9.12
N THR A 66 -5.91 7.03 -9.01
CA THR A 66 -4.69 7.08 -9.74
C THR A 66 -4.43 5.73 -10.46
N ARG A 67 -5.29 5.47 -11.32
CA ARG A 67 -5.26 4.37 -12.29
C ARG A 67 -4.01 4.35 -13.19
N GLU A 68 -3.23 5.40 -13.12
CA GLU A 68 -2.01 5.48 -13.89
C GLU A 68 -0.90 4.71 -13.19
N LYS A 69 -0.68 3.50 -13.63
CA LYS A 69 0.34 2.61 -13.09
C LYS A 69 0.86 1.76 -14.23
N GLU A 70 2.09 1.28 -14.10
CA GLU A 70 2.64 0.36 -15.05
C GLU A 70 1.95 -0.97 -14.90
ZN ZN B . 5.55 -0.04 0.82
N ARG A 12 3.65 9.96 6.41
CA ARG A 12 3.71 10.66 7.63
C ARG A 12 3.22 9.78 8.66
N GLU A 13 2.04 9.98 9.00
CA GLU A 13 1.46 9.23 9.92
C GLU A 13 0.63 8.24 9.17
N PHE A 14 1.25 7.14 9.01
CA PHE A 14 0.68 5.94 8.39
C PHE A 14 -0.80 5.79 8.60
N ASP A 15 -1.42 5.69 7.47
CA ASP A 15 -2.83 5.53 7.36
C ASP A 15 -3.07 4.12 6.89
N PRO A 16 -3.47 3.22 7.78
CA PRO A 16 -3.66 1.82 7.42
C PRO A 16 -4.66 1.59 6.30
N ASP A 17 -5.82 2.19 6.40
CA ASP A 17 -6.91 2.00 5.44
C ASP A 17 -6.51 2.38 4.03
N ILE A 18 -5.66 3.34 3.94
CA ILE A 18 -5.42 3.98 2.68
C ILE A 18 -4.05 3.65 2.11
N HIS A 19 -3.16 3.20 2.95
CA HIS A 19 -1.81 3.01 2.51
C HIS A 19 -1.29 1.59 2.50
N CYS A 20 -0.07 1.51 2.03
CA CYS A 20 0.70 0.30 1.78
C CYS A 20 0.84 -0.63 3.00
N GLY A 21 1.16 -0.12 4.15
CA GLY A 21 1.21 -0.97 5.35
C GLY A 21 2.35 -1.98 5.35
N VAL A 22 3.22 -1.90 4.37
CA VAL A 22 4.35 -2.81 4.31
C VAL A 22 5.41 -2.17 5.02
N ILE A 23 5.69 -2.70 6.13
CA ILE A 23 6.72 -2.19 6.93
C ILE A 23 8.04 -2.36 6.24
N ASP A 24 8.74 -1.28 6.17
CA ASP A 24 9.96 -1.23 5.40
C ASP A 24 11.06 -1.73 6.23
N LEU A 25 11.81 -2.64 5.74
CA LEU A 25 12.92 -3.22 6.48
C LEU A 25 14.16 -2.32 6.48
N ASP A 26 14.11 -1.24 5.73
CA ASP A 26 15.21 -0.32 5.72
C ASP A 26 14.99 0.76 6.77
N THR A 27 13.85 1.40 6.75
CA THR A 27 13.52 2.40 7.74
C THR A 27 12.89 1.78 8.96
N LYS A 28 12.10 0.77 8.73
CA LYS A 28 11.38 0.04 9.75
C LYS A 28 10.28 0.79 10.38
N LYS A 29 9.46 1.23 9.50
CA LYS A 29 8.25 1.92 9.73
C LYS A 29 7.28 1.39 8.71
N PRO A 30 5.99 1.67 8.82
CA PRO A 30 5.08 1.25 7.83
C PRO A 30 5.17 2.08 6.60
N CYS A 31 4.30 1.82 5.72
CA CYS A 31 4.46 2.37 4.52
C CYS A 31 3.28 3.09 4.10
N THR A 32 3.40 4.30 4.18
CA THR A 32 2.36 5.20 3.82
C THR A 32 2.72 5.99 2.55
N ARG A 33 3.27 5.25 1.58
CA ARG A 33 3.61 5.80 0.28
C ARG A 33 2.39 6.00 -0.55
N SER A 34 1.83 4.91 -0.94
CA SER A 34 0.65 4.89 -1.72
C SER A 34 0.10 3.52 -1.69
N LEU A 35 -0.99 3.40 -2.36
CA LEU A 35 -1.72 2.19 -2.49
C LEU A 35 -1.01 1.31 -3.52
N THR A 36 -0.08 1.90 -4.24
CA THR A 36 0.60 1.22 -5.32
C THR A 36 2.13 1.38 -5.15
N CYS A 37 2.53 1.58 -3.88
CA CYS A 37 3.91 1.77 -3.41
C CYS A 37 4.97 1.18 -4.35
N LYS A 38 5.91 2.02 -4.73
CA LYS A 38 6.92 1.76 -5.71
C LYS A 38 8.13 1.03 -5.14
N THR A 39 8.15 0.90 -3.86
CA THR A 39 9.27 0.30 -3.21
C THR A 39 9.05 -1.20 -3.07
N HIS A 40 7.84 -1.49 -2.70
CA HIS A 40 7.46 -2.78 -2.24
C HIS A 40 6.72 -3.49 -3.29
N SER A 41 7.04 -4.72 -3.46
CA SER A 41 6.43 -5.51 -4.46
C SER A 41 5.03 -5.90 -4.17
N LEU A 42 4.28 -6.10 -5.24
CA LEU A 42 2.88 -6.41 -5.25
C LEU A 42 2.51 -7.47 -4.26
N THR A 43 3.27 -8.54 -4.23
CA THR A 43 2.95 -9.63 -3.35
C THR A 43 3.05 -9.20 -1.89
N GLN A 44 3.93 -8.26 -1.64
CA GLN A 44 4.20 -7.83 -0.27
C GLN A 44 3.05 -7.00 0.23
N ARG A 45 2.41 -6.27 -0.68
CA ARG A 45 1.27 -5.48 -0.28
C ARG A 45 0.09 -6.38 -0.01
N ARG A 46 -0.07 -7.41 -0.86
CA ARG A 46 -1.14 -8.41 -0.65
C ARG A 46 -0.90 -9.17 0.64
N ALA A 47 0.36 -9.41 0.91
CA ALA A 47 0.80 -10.08 2.12
C ALA A 47 0.39 -9.32 3.38
N VAL A 48 0.79 -8.06 3.47
CA VAL A 48 0.58 -7.27 4.60
C VAL A 48 -0.82 -6.88 4.85
N GLN A 49 -1.05 -6.67 6.08
CA GLN A 49 -2.22 -6.09 6.59
C GLN A 49 -2.15 -4.56 6.35
N GLY A 50 -2.92 -3.85 7.07
CA GLY A 50 -2.94 -2.41 7.00
C GLY A 50 -4.30 -1.93 6.65
N ARG A 51 -4.67 -2.13 5.43
CA ARG A 51 -5.92 -1.64 4.90
C ARG A 51 -7.06 -2.39 5.53
N ARG A 52 -8.21 -1.81 5.50
CA ARG A 52 -9.36 -2.44 6.13
C ARG A 52 -10.04 -3.39 5.17
N LYS A 53 -9.53 -3.42 3.96
CA LYS A 53 -10.04 -4.24 2.94
C LYS A 53 -8.85 -5.04 2.42
N ARG A 54 -9.07 -5.87 1.42
CA ARG A 54 -7.95 -6.57 0.77
C ARG A 54 -7.13 -5.56 0.05
N PHE A 55 -5.97 -5.93 -0.30
CA PHE A 55 -5.09 -5.03 -0.97
C PHE A 55 -5.57 -4.70 -2.37
N ASP A 56 -6.06 -5.67 -3.06
CA ASP A 56 -6.46 -5.50 -4.46
C ASP A 56 -7.68 -4.65 -4.57
N VAL A 57 -8.56 -4.81 -3.62
CA VAL A 57 -9.79 -4.06 -3.62
C VAL A 57 -9.50 -2.61 -3.28
N LEU A 58 -8.50 -2.46 -2.47
CA LEU A 58 -8.00 -1.22 -2.07
C LEU A 58 -7.26 -0.57 -3.25
N LEU A 59 -6.46 -1.35 -3.92
CA LEU A 59 -5.72 -0.88 -5.06
C LEU A 59 -6.71 -0.51 -6.18
N ALA A 60 -7.85 -1.19 -6.21
CA ALA A 60 -8.91 -0.92 -7.16
C ALA A 60 -9.38 0.52 -7.00
N GLU A 61 -9.41 0.98 -5.77
CA GLU A 61 -9.76 2.34 -5.45
C GLU A 61 -8.67 3.26 -6.00
N HIS A 62 -7.42 2.83 -5.81
CA HIS A 62 -6.29 3.55 -6.33
C HIS A 62 -6.34 3.63 -7.81
N LYS A 63 -6.56 2.55 -8.47
CA LYS A 63 -6.64 2.55 -9.90
C LYS A 63 -7.83 3.30 -10.40
N ASN A 64 -8.83 3.38 -9.64
CA ASN A 64 -9.93 4.19 -10.07
C ASN A 64 -9.55 5.70 -10.04
N LYS A 65 -8.60 6.03 -9.17
CA LYS A 65 -8.04 7.35 -9.08
C LYS A 65 -6.79 7.49 -10.01
N THR A 66 -5.78 6.75 -9.67
CA THR A 66 -4.51 6.77 -10.31
C THR A 66 -4.16 5.37 -10.88
N ARG A 67 -4.94 5.03 -11.79
CA ARG A 67 -4.75 3.87 -12.66
C ARG A 67 -3.51 4.00 -13.55
N GLU A 68 -2.91 5.17 -13.55
CA GLU A 68 -1.67 5.42 -14.26
C GLU A 68 -0.54 4.60 -13.61
N LYS A 69 -0.30 3.45 -14.20
CA LYS A 69 0.70 2.52 -13.78
C LYS A 69 1.18 1.82 -15.03
N GLU A 70 2.37 1.28 -15.02
CA GLU A 70 2.90 0.67 -16.21
C GLU A 70 2.36 -0.73 -16.41
ZN ZN B . 5.43 0.29 0.64
N ARG A 12 3.08 10.91 5.97
CA ARG A 12 2.83 11.78 7.05
C ARG A 12 2.54 10.91 8.20
N GLU A 13 1.35 10.94 8.59
CA GLU A 13 0.92 10.12 9.53
C GLU A 13 0.30 8.97 8.76
N PHE A 14 1.10 7.95 8.67
CA PHE A 14 0.71 6.63 8.13
C PHE A 14 -0.74 6.33 8.39
N ASP A 15 -1.39 6.06 7.31
CA ASP A 15 -2.78 5.75 7.27
C ASP A 15 -2.94 4.37 6.71
N PRO A 16 -3.13 3.35 7.54
CA PRO A 16 -3.20 1.98 7.06
C PRO A 16 -4.38 1.71 6.13
N ASP A 17 -5.48 2.39 6.35
CA ASP A 17 -6.68 2.16 5.54
C ASP A 17 -6.50 2.68 4.14
N ILE A 18 -5.54 3.57 3.99
CA ILE A 18 -5.39 4.29 2.72
C ILE A 18 -4.03 4.06 2.10
N HIS A 19 -3.13 3.51 2.86
CA HIS A 19 -1.79 3.32 2.41
C HIS A 19 -1.27 1.89 2.52
N CYS A 20 -0.04 1.74 2.02
CA CYS A 20 0.66 0.47 1.86
C CYS A 20 0.71 -0.37 3.14
N GLY A 21 1.09 0.23 4.26
CA GLY A 21 1.09 -0.51 5.54
C GLY A 21 2.12 -1.60 5.62
N VAL A 22 3.01 -1.65 4.66
CA VAL A 22 4.04 -2.66 4.68
C VAL A 22 5.14 -2.04 5.34
N ILE A 23 5.40 -2.50 6.49
CA ILE A 23 6.47 -2.01 7.23
C ILE A 23 7.74 -2.30 6.51
N ASP A 24 8.43 -1.23 6.29
CA ASP A 24 9.52 -1.18 5.42
C ASP A 24 10.73 -1.73 6.12
N LEU A 25 11.34 -2.67 5.54
CA LEU A 25 12.51 -3.29 6.13
C LEU A 25 13.77 -2.46 5.92
N ASP A 26 13.66 -1.45 5.07
CA ASP A 26 14.75 -0.52 4.85
C ASP A 26 14.69 0.64 5.83
N THR A 27 13.49 1.04 6.18
CA THR A 27 13.34 2.17 7.09
C THR A 27 12.72 1.80 8.46
N LYS A 28 12.00 0.70 8.50
CA LYS A 28 11.36 0.15 9.71
C LYS A 28 10.33 1.05 10.29
N LYS A 29 9.50 1.41 9.41
CA LYS A 29 8.37 2.24 9.60
C LYS A 29 7.33 1.69 8.66
N PRO A 30 6.08 2.10 8.76
CA PRO A 30 5.11 1.66 7.83
C PRO A 30 5.28 2.31 6.52
N CYS A 31 4.29 2.21 5.71
CA CYS A 31 4.49 2.61 4.47
C CYS A 31 3.36 3.36 3.95
N THR A 32 3.47 4.60 4.03
CA THR A 32 2.47 5.50 3.54
C THR A 32 2.98 6.24 2.30
N ARG A 33 3.39 5.42 1.34
CA ARG A 33 3.81 5.89 0.04
C ARG A 33 2.63 6.05 -0.85
N SER A 34 2.07 4.94 -1.14
CA SER A 34 0.94 4.78 -1.92
C SER A 34 0.60 3.35 -1.79
N LEU A 35 -0.45 2.99 -2.39
CA LEU A 35 -0.91 1.67 -2.41
C LEU A 35 -0.13 0.87 -3.42
N THR A 36 0.46 1.59 -4.32
CA THR A 36 1.21 0.99 -5.39
C THR A 36 2.68 1.31 -5.16
N CYS A 37 2.99 1.41 -3.85
CA CYS A 37 4.31 1.59 -3.31
C CYS A 37 5.37 0.90 -4.15
N LYS A 38 6.33 1.66 -4.62
CA LYS A 38 7.30 1.25 -5.61
C LYS A 38 8.50 0.57 -4.96
N THR A 39 8.50 0.54 -3.68
CA THR A 39 9.58 -0.04 -2.92
C THR A 39 9.27 -1.50 -2.66
N HIS A 40 8.02 -1.75 -2.51
CA HIS A 40 7.55 -3.01 -2.06
C HIS A 40 6.85 -3.66 -3.19
N SER A 41 7.15 -4.90 -3.43
CA SER A 41 6.53 -5.61 -4.48
C SER A 41 5.12 -5.94 -4.18
N LEU A 42 4.36 -6.13 -5.22
CA LEU A 42 2.95 -6.41 -5.17
C LEU A 42 2.58 -7.45 -4.14
N THR A 43 3.36 -8.50 -4.08
CA THR A 43 3.07 -9.58 -3.16
C THR A 43 3.21 -9.10 -1.71
N GLN A 44 4.08 -8.15 -1.50
CA GLN A 44 4.39 -7.68 -0.16
C GLN A 44 3.27 -6.79 0.32
N ARG A 45 2.58 -6.15 -0.62
CA ARG A 45 1.45 -5.36 -0.26
C ARG A 45 0.28 -6.27 0.07
N ARG A 46 0.09 -7.33 -0.76
CA ARG A 46 -0.95 -8.34 -0.52
C ARG A 46 -0.72 -9.06 0.80
N ALA A 47 0.55 -9.22 1.12
CA ALA A 47 0.98 -9.85 2.35
C ALA A 47 0.51 -9.14 3.63
N VAL A 48 0.38 -7.83 3.59
CA VAL A 48 0.00 -7.09 4.80
C VAL A 48 -1.49 -6.73 4.80
N GLN A 49 -2.11 -6.87 5.95
CA GLN A 49 -3.51 -6.52 6.14
C GLN A 49 -3.67 -5.11 6.76
N GLY A 50 -2.87 -4.18 6.25
CA GLY A 50 -2.89 -2.78 6.71
C GLY A 50 -4.20 -2.09 6.44
N ARG A 51 -4.71 -2.29 5.25
CA ARG A 51 -5.92 -1.64 4.81
C ARG A 51 -7.11 -2.32 5.43
N ARG A 52 -8.24 -1.75 5.20
CA ARG A 52 -9.49 -2.29 5.71
C ARG A 52 -10.04 -3.41 4.84
N LYS A 53 -9.47 -3.61 3.67
CA LYS A 53 -9.95 -4.58 2.74
C LYS A 53 -8.75 -5.30 2.17
N ARG A 54 -9.00 -6.22 1.24
CA ARG A 54 -7.95 -6.88 0.47
C ARG A 54 -7.12 -5.83 -0.20
N PHE A 55 -5.93 -6.16 -0.52
CA PHE A 55 -5.09 -5.19 -1.12
C PHE A 55 -5.51 -4.86 -2.53
N ASP A 56 -5.88 -5.85 -3.25
CA ASP A 56 -6.26 -5.71 -4.65
C ASP A 56 -7.53 -4.93 -4.77
N VAL A 57 -8.44 -5.19 -3.86
CA VAL A 57 -9.74 -4.56 -3.86
C VAL A 57 -9.59 -3.10 -3.51
N LEU A 58 -8.63 -2.85 -2.67
CA LEU A 58 -8.26 -1.57 -2.22
C LEU A 58 -7.50 -0.85 -3.34
N LEU A 59 -6.58 -1.55 -3.96
CA LEU A 59 -5.79 -1.00 -5.04
C LEU A 59 -6.70 -0.64 -6.18
N ALA A 60 -7.80 -1.37 -6.32
CA ALA A 60 -8.79 -1.08 -7.32
C ALA A 60 -9.37 0.32 -7.10
N GLU A 61 -9.53 0.68 -5.83
CA GLU A 61 -10.00 1.99 -5.46
C GLU A 61 -8.92 3.01 -5.81
N HIS A 62 -7.67 2.60 -5.59
CA HIS A 62 -6.54 3.41 -5.93
C HIS A 62 -6.50 3.66 -7.39
N LYS A 63 -6.61 2.65 -8.18
CA LYS A 63 -6.60 2.80 -9.61
C LYS A 63 -7.81 3.49 -10.12
N ASN A 64 -8.89 3.41 -9.42
CA ASN A 64 -10.02 4.22 -9.78
C ASN A 64 -9.68 5.72 -9.62
N LYS A 65 -8.85 6.03 -8.64
CA LYS A 65 -8.39 7.39 -8.39
C LYS A 65 -7.09 7.68 -9.16
N THR A 66 -6.06 7.00 -8.78
CA THR A 66 -4.74 7.15 -9.27
C THR A 66 -4.29 5.88 -10.02
N ARG A 67 -4.96 5.70 -11.04
CA ARG A 67 -4.77 4.74 -12.10
C ARG A 67 -3.39 4.86 -12.77
N GLU A 68 -2.78 5.98 -12.59
CA GLU A 68 -1.50 6.24 -13.19
C GLU A 68 -0.36 5.53 -12.49
N LYS A 69 -0.18 4.33 -12.92
CA LYS A 69 0.94 3.50 -12.57
C LYS A 69 1.57 3.10 -13.86
N GLU A 70 0.78 2.32 -14.64
CA GLU A 70 1.08 1.88 -15.96
C GLU A 70 2.49 1.38 -16.02
ZN ZN B . 5.47 0.10 0.83
N ARG A 12 4.33 9.87 6.00
CA ARG A 12 4.40 10.47 7.28
C ARG A 12 3.41 9.89 8.11
N GLU A 13 2.26 10.21 7.82
CA GLU A 13 1.23 9.81 8.58
C GLU A 13 0.58 8.53 8.03
N PHE A 14 1.29 7.51 8.24
CA PHE A 14 0.82 6.14 7.98
C PHE A 14 -0.64 5.95 8.24
N ASP A 15 -1.32 5.73 7.17
CA ASP A 15 -2.71 5.44 7.25
C ASP A 15 -2.86 4.04 6.79
N PRO A 16 -3.09 3.08 7.66
CA PRO A 16 -3.21 1.71 7.22
C PRO A 16 -4.36 1.48 6.27
N ASP A 17 -5.42 2.20 6.49
CA ASP A 17 -6.64 2.04 5.72
C ASP A 17 -6.46 2.50 4.30
N ILE A 18 -5.46 3.32 4.07
CA ILE A 18 -5.29 3.95 2.78
C ILE A 18 -3.96 3.57 2.14
N HIS A 19 -2.97 3.31 2.95
CA HIS A 19 -1.65 3.09 2.46
C HIS A 19 -1.19 1.66 2.51
N CYS A 20 0.02 1.51 2.01
CA CYS A 20 0.71 0.24 1.84
C CYS A 20 0.81 -0.63 3.11
N GLY A 21 1.20 -0.06 4.23
CA GLY A 21 1.22 -0.86 5.48
C GLY A 21 2.38 -1.82 5.61
N VAL A 22 3.20 -1.93 4.58
CA VAL A 22 4.29 -2.89 4.62
C VAL A 22 5.39 -2.22 5.26
N ILE A 23 5.72 -2.69 6.39
CA ILE A 23 6.76 -2.12 7.12
C ILE A 23 8.07 -2.23 6.38
N ASP A 24 8.67 -1.10 6.22
CA ASP A 24 9.81 -0.93 5.40
C ASP A 24 11.00 -1.38 6.17
N LEU A 25 11.73 -2.27 5.62
CA LEU A 25 12.90 -2.79 6.26
C LEU A 25 14.11 -1.89 6.12
N ASP A 26 13.98 -0.83 5.35
CA ASP A 26 15.04 0.11 5.18
C ASP A 26 14.91 1.19 6.23
N THR A 27 13.68 1.61 6.48
CA THR A 27 13.40 2.66 7.46
C THR A 27 12.82 2.12 8.77
N LYS A 28 12.06 1.06 8.67
CA LYS A 28 11.43 0.37 9.82
C LYS A 28 10.30 1.15 10.38
N LYS A 29 9.50 1.50 9.48
CA LYS A 29 8.30 2.20 9.70
C LYS A 29 7.34 1.63 8.71
N PRO A 30 6.05 1.88 8.82
CA PRO A 30 5.14 1.39 7.85
C PRO A 30 5.24 2.12 6.58
N CYS A 31 4.39 1.81 5.71
CA CYS A 31 4.56 2.25 4.46
C CYS A 31 3.42 3.01 4.01
N THR A 32 3.63 4.21 3.98
CA THR A 32 2.66 5.15 3.59
C THR A 32 3.08 5.88 2.29
N ARG A 33 3.58 5.05 1.39
CA ARG A 33 3.99 5.47 0.05
C ARG A 33 2.80 5.80 -0.76
N SER A 34 2.06 4.76 -1.03
CA SER A 34 0.87 4.82 -1.80
C SER A 34 0.24 3.47 -1.76
N LEU A 35 -0.85 3.37 -2.46
CA LEU A 35 -1.62 2.19 -2.56
C LEU A 35 -0.99 1.28 -3.60
N THR A 36 -0.02 1.82 -4.30
CA THR A 36 0.64 1.12 -5.40
C THR A 36 2.17 1.22 -5.19
N CYS A 37 2.53 1.26 -3.90
CA CYS A 37 3.90 1.38 -3.39
C CYS A 37 4.97 0.73 -4.27
N LYS A 38 5.90 1.53 -4.69
CA LYS A 38 6.93 1.22 -5.62
C LYS A 38 8.14 0.57 -4.94
N THR A 39 8.19 0.69 -3.65
CA THR A 39 9.31 0.18 -2.91
C THR A 39 9.14 -1.33 -2.65
N HIS A 40 7.90 -1.72 -2.63
CA HIS A 40 7.53 -3.03 -2.16
C HIS A 40 6.83 -3.77 -3.24
N SER A 41 7.09 -5.05 -3.34
CA SER A 41 6.50 -5.86 -4.36
C SER A 41 5.08 -6.23 -4.05
N LEU A 42 4.35 -6.52 -5.11
CA LEU A 42 2.94 -6.87 -5.10
C LEU A 42 2.61 -7.87 -4.02
N THR A 43 3.43 -8.89 -3.91
CA THR A 43 3.16 -9.95 -2.95
C THR A 43 3.20 -9.40 -1.52
N GLN A 44 4.03 -8.40 -1.32
CA GLN A 44 4.26 -7.87 0.01
C GLN A 44 3.10 -7.01 0.41
N ARG A 45 2.49 -6.37 -0.58
CA ARG A 45 1.32 -5.56 -0.31
C ARG A 45 0.14 -6.46 0.00
N ARG A 46 0.03 -7.57 -0.74
CA ARG A 46 -1.05 -8.53 -0.51
C ARG A 46 -0.89 -9.20 0.84
N ALA A 47 0.35 -9.42 1.21
CA ALA A 47 0.71 -10.03 2.48
C ALA A 47 0.22 -9.23 3.70
N VAL A 48 0.49 -7.94 3.72
CA VAL A 48 0.12 -7.11 4.85
C VAL A 48 -1.38 -6.74 4.80
N GLN A 49 -2.03 -6.86 5.93
CA GLN A 49 -3.45 -6.59 6.06
C GLN A 49 -3.68 -5.24 6.74
N GLY A 50 -2.99 -4.24 6.22
CA GLY A 50 -3.07 -2.89 6.75
C GLY A 50 -4.35 -2.19 6.39
N ARG A 51 -4.77 -2.36 5.18
CA ARG A 51 -5.91 -1.64 4.63
C ARG A 51 -7.20 -2.18 5.19
N ARG A 52 -8.20 -1.38 5.07
CA ARG A 52 -9.55 -1.70 5.51
C ARG A 52 -10.22 -2.75 4.62
N LYS A 53 -9.62 -2.98 3.47
CA LYS A 53 -10.11 -3.87 2.49
C LYS A 53 -8.90 -4.75 2.14
N ARG A 54 -9.05 -5.67 1.21
CA ARG A 54 -7.88 -6.41 0.72
C ARG A 54 -7.01 -5.45 -0.05
N PHE A 55 -5.87 -5.86 -0.40
CA PHE A 55 -4.97 -4.99 -1.10
C PHE A 55 -5.40 -4.76 -2.53
N ASP A 56 -5.84 -5.77 -3.16
CA ASP A 56 -6.20 -5.70 -4.58
C ASP A 56 -7.37 -4.80 -4.79
N VAL A 57 -8.31 -4.89 -3.90
CA VAL A 57 -9.51 -4.10 -3.98
C VAL A 57 -9.19 -2.66 -3.65
N LEU A 58 -8.24 -2.51 -2.78
CA LEU A 58 -7.74 -1.26 -2.38
C LEU A 58 -7.01 -0.64 -3.55
N LEU A 59 -6.23 -1.44 -4.24
CA LEU A 59 -5.51 -0.96 -5.39
C LEU A 59 -6.51 -0.64 -6.48
N ALA A 60 -7.60 -1.38 -6.52
CA ALA A 60 -8.68 -1.14 -7.46
C ALA A 60 -9.26 0.26 -7.22
N GLU A 61 -9.39 0.62 -5.96
CA GLU A 61 -9.86 1.94 -5.58
C GLU A 61 -8.81 2.96 -5.91
N HIS A 62 -7.55 2.57 -5.77
CA HIS A 62 -6.46 3.38 -6.15
C HIS A 62 -6.51 3.65 -7.59
N LYS A 63 -6.62 2.65 -8.38
CA LYS A 63 -6.71 2.83 -9.80
C LYS A 63 -7.94 3.54 -10.23
N ASN A 64 -8.95 3.46 -9.49
CA ASN A 64 -10.09 4.24 -9.86
C ASN A 64 -9.84 5.74 -9.58
N LYS A 65 -9.01 6.04 -8.59
CA LYS A 65 -8.63 7.40 -8.30
C LYS A 65 -7.37 7.77 -9.11
N THR A 66 -6.30 7.11 -8.79
CA THR A 66 -5.01 7.30 -9.37
C THR A 66 -4.59 6.03 -10.14
N ARG A 67 -5.32 5.81 -11.11
CA ARG A 67 -5.14 4.86 -12.20
C ARG A 67 -3.75 4.90 -12.89
N GLU A 68 -2.84 5.66 -12.35
CA GLU A 68 -1.53 5.71 -12.85
C GLU A 68 -0.65 4.81 -12.00
N LYS A 69 -0.21 3.74 -12.55
CA LYS A 69 0.71 2.88 -11.85
C LYS A 69 2.02 3.00 -12.55
N GLU A 70 3.10 2.95 -11.83
CA GLU A 70 4.37 3.03 -12.46
C GLU A 70 4.82 1.71 -13.01
ZN ZN B . 5.37 -0.05 0.74
N ARG A 12 2.70 10.60 5.93
CA ARG A 12 1.73 11.19 6.72
C ARG A 12 1.71 10.43 7.95
N GLU A 13 0.74 10.66 8.68
CA GLU A 13 0.44 9.78 9.67
C GLU A 13 0.02 8.53 8.87
N PHE A 14 0.93 7.59 8.81
CA PHE A 14 0.68 6.29 8.19
C PHE A 14 -0.78 5.89 8.31
N ASP A 15 -1.37 5.72 7.19
CA ASP A 15 -2.77 5.44 7.09
C ASP A 15 -2.90 4.03 6.63
N PRO A 16 -3.16 3.07 7.51
CA PRO A 16 -3.28 1.69 7.09
C PRO A 16 -4.44 1.43 6.17
N ASP A 17 -5.52 2.16 6.38
CA ASP A 17 -6.75 1.93 5.61
C ASP A 17 -6.56 2.30 4.15
N ILE A 18 -5.59 3.13 3.91
CA ILE A 18 -5.42 3.69 2.60
C ILE A 18 -4.06 3.34 1.99
N HIS A 19 -3.04 3.26 2.83
CA HIS A 19 -1.69 3.10 2.36
C HIS A 19 -1.17 1.69 2.40
N CYS A 20 0.08 1.60 2.00
CA CYS A 20 0.80 0.34 1.83
C CYS A 20 0.85 -0.53 3.09
N GLY A 21 1.19 0.05 4.22
CA GLY A 21 1.18 -0.73 5.48
C GLY A 21 2.29 -1.74 5.62
N VAL A 22 3.14 -1.85 4.64
CA VAL A 22 4.20 -2.83 4.72
C VAL A 22 5.28 -2.16 5.37
N ILE A 23 5.59 -2.62 6.51
CA ILE A 23 6.62 -2.07 7.24
C ILE A 23 7.92 -2.24 6.51
N ASP A 24 8.50 -1.12 6.26
CA ASP A 24 9.59 -0.98 5.38
C ASP A 24 10.81 -1.42 6.09
N LEU A 25 11.56 -2.27 5.50
CA LEU A 25 12.75 -2.76 6.14
C LEU A 25 13.89 -1.78 6.05
N ASP A 26 13.79 -0.84 5.14
CA ASP A 26 14.81 0.15 4.97
C ASP A 26 14.64 1.26 5.96
N THR A 27 13.42 1.64 6.20
CA THR A 27 13.15 2.72 7.11
C THR A 27 12.64 2.22 8.47
N LYS A 28 11.99 1.08 8.46
CA LYS A 28 11.42 0.45 9.65
C LYS A 28 10.37 1.26 10.29
N LYS A 29 9.45 1.53 9.44
CA LYS A 29 8.27 2.24 9.69
C LYS A 29 7.26 1.63 8.76
N PRO A 30 5.98 1.95 8.87
CA PRO A 30 5.04 1.45 7.93
C PRO A 30 5.15 2.16 6.65
N CYS A 31 4.25 1.92 5.80
CA CYS A 31 4.46 2.37 4.57
C CYS A 31 3.34 3.14 4.06
N THR A 32 3.49 4.38 4.12
CA THR A 32 2.51 5.30 3.65
C THR A 32 2.97 5.95 2.34
N ARG A 33 3.53 5.13 1.46
CA ARG A 33 3.95 5.60 0.17
C ARG A 33 2.76 5.87 -0.68
N SER A 34 2.13 4.81 -1.04
CA SER A 34 0.97 4.84 -1.85
C SER A 34 0.38 3.48 -1.84
N LEU A 35 -0.71 3.39 -2.55
CA LEU A 35 -1.47 2.21 -2.67
C LEU A 35 -0.84 1.34 -3.76
N THR A 36 0.22 1.85 -4.35
CA THR A 36 0.94 1.20 -5.41
C THR A 36 2.46 1.39 -5.17
N CYS A 37 2.82 1.42 -3.86
CA CYS A 37 4.20 1.52 -3.35
C CYS A 37 5.23 0.80 -4.24
N LYS A 38 6.22 1.53 -4.67
CA LYS A 38 7.20 1.09 -5.65
C LYS A 38 8.33 0.28 -5.00
N THR A 39 8.42 0.36 -3.70
CA THR A 39 9.49 -0.22 -2.95
C THR A 39 9.23 -1.69 -2.71
N HIS A 40 7.99 -1.96 -2.52
CA HIS A 40 7.54 -3.21 -2.04
C HIS A 40 6.85 -3.91 -3.13
N SER A 41 7.11 -5.19 -3.25
CA SER A 41 6.50 -5.97 -4.25
C SER A 41 5.09 -6.32 -3.98
N LEU A 42 4.38 -6.61 -5.05
CA LEU A 42 2.97 -6.91 -5.06
C LEU A 42 2.56 -7.85 -3.97
N THR A 43 3.30 -8.92 -3.82
CA THR A 43 2.92 -9.93 -2.85
C THR A 43 3.03 -9.38 -1.45
N GLN A 44 3.94 -8.45 -1.26
CA GLN A 44 4.23 -7.90 0.04
C GLN A 44 3.10 -6.98 0.44
N ARG A 45 2.53 -6.29 -0.56
CA ARG A 45 1.40 -5.44 -0.27
C ARG A 45 0.19 -6.29 0.06
N ARG A 46 -0.01 -7.36 -0.71
CA ARG A 46 -1.14 -8.26 -0.48
C ARG A 46 -1.02 -9.02 0.82
N ALA A 47 0.22 -9.29 1.21
CA ALA A 47 0.53 -9.99 2.44
C ALA A 47 0.11 -9.19 3.69
N VAL A 48 0.45 -7.92 3.71
CA VAL A 48 0.11 -7.10 4.86
C VAL A 48 -1.38 -6.71 4.83
N GLN A 49 -2.05 -6.95 5.91
CA GLN A 49 -3.46 -6.67 6.01
C GLN A 49 -3.71 -5.29 6.65
N GLY A 50 -2.82 -4.34 6.32
CA GLY A 50 -2.90 -2.96 6.81
C GLY A 50 -4.22 -2.31 6.52
N ARG A 51 -4.59 -2.38 5.27
CA ARG A 51 -5.80 -1.79 4.76
C ARG A 51 -7.02 -2.42 5.38
N ARG A 52 -8.12 -1.75 5.22
CA ARG A 52 -9.39 -2.21 5.75
C ARG A 52 -10.03 -3.21 4.81
N LYS A 53 -9.40 -3.42 3.67
CA LYS A 53 -9.87 -4.29 2.68
C LYS A 53 -8.65 -5.04 2.18
N ARG A 54 -8.83 -5.92 1.20
CA ARG A 54 -7.72 -6.61 0.54
C ARG A 54 -6.88 -5.58 -0.16
N PHE A 55 -5.70 -5.93 -0.47
CA PHE A 55 -4.85 -4.97 -1.14
C PHE A 55 -5.33 -4.70 -2.56
N ASP A 56 -5.72 -5.72 -3.23
CA ASP A 56 -6.14 -5.68 -4.62
C ASP A 56 -7.37 -4.82 -4.78
N VAL A 57 -8.26 -4.96 -3.84
CA VAL A 57 -9.52 -4.26 -3.84
C VAL A 57 -9.29 -2.79 -3.49
N LEU A 58 -8.30 -2.58 -2.66
CA LEU A 58 -7.85 -1.32 -2.27
C LEU A 58 -7.17 -0.64 -3.44
N LEU A 59 -6.32 -1.38 -4.12
CA LEU A 59 -5.60 -0.88 -5.28
C LEU A 59 -6.60 -0.52 -6.36
N ALA A 60 -7.72 -1.23 -6.38
CA ALA A 60 -8.79 -0.94 -7.31
C ALA A 60 -9.32 0.47 -7.08
N GLU A 61 -9.40 0.87 -5.82
CA GLU A 61 -9.81 2.20 -5.47
C GLU A 61 -8.71 3.18 -5.81
N HIS A 62 -7.47 2.72 -5.67
CA HIS A 62 -6.33 3.50 -6.11
C HIS A 62 -6.43 3.76 -7.55
N LYS A 63 -6.66 2.76 -8.33
CA LYS A 63 -6.84 2.92 -9.75
C LYS A 63 -8.05 3.71 -10.10
N ASN A 64 -9.00 3.72 -9.29
CA ASN A 64 -10.09 4.59 -9.59
C ASN A 64 -9.70 6.08 -9.39
N LYS A 65 -8.75 6.33 -8.51
CA LYS A 65 -8.23 7.66 -8.33
C LYS A 65 -7.03 7.87 -9.24
N THR A 66 -6.00 7.13 -8.95
CA THR A 66 -4.76 7.18 -9.62
C THR A 66 -4.53 5.86 -10.40
N ARG A 67 -5.39 5.71 -11.30
CA ARG A 67 -5.46 4.75 -12.43
C ARG A 67 -4.16 4.61 -13.27
N GLU A 68 -3.07 5.06 -12.73
CA GLU A 68 -1.80 4.91 -13.32
C GLU A 68 -1.01 3.96 -12.45
N LYS A 69 -0.57 2.91 -13.04
CA LYS A 69 0.22 1.93 -12.35
C LYS A 69 1.67 2.18 -12.71
N GLU A 70 2.53 2.19 -11.72
CA GLU A 70 3.90 2.37 -11.96
C GLU A 70 4.47 1.02 -12.26
ZN ZN B . 5.55 0.03 0.83
N ARG A 12 4.65 9.90 6.83
CA ARG A 12 4.45 10.51 8.09
C ARG A 12 3.50 9.75 8.86
N GLU A 13 2.32 10.12 8.77
CA GLU A 13 1.36 9.52 9.53
C GLU A 13 0.67 8.38 8.77
N PHE A 14 1.37 7.34 8.79
CA PHE A 14 0.90 6.03 8.34
C PHE A 14 -0.56 5.81 8.60
N ASP A 15 -1.25 5.63 7.53
CA ASP A 15 -2.61 5.31 7.63
C ASP A 15 -2.76 3.95 7.07
N PRO A 16 -3.04 2.95 7.87
CA PRO A 16 -3.17 1.61 7.34
C PRO A 16 -4.32 1.44 6.37
N ASP A 17 -5.37 2.20 6.57
CA ASP A 17 -6.57 2.02 5.77
C ASP A 17 -6.45 2.70 4.43
N ILE A 18 -5.37 3.46 4.24
CA ILE A 18 -5.24 4.28 3.02
C ILE A 18 -3.89 4.07 2.35
N HIS A 19 -2.99 3.42 3.05
CA HIS A 19 -1.65 3.24 2.57
C HIS A 19 -1.18 1.80 2.52
N CYS A 20 0.07 1.67 2.08
CA CYS A 20 0.78 0.41 1.85
C CYS A 20 0.86 -0.50 3.08
N GLY A 21 1.22 0.04 4.23
CA GLY A 21 1.22 -0.78 5.45
C GLY A 21 2.39 -1.71 5.61
N VAL A 22 3.19 -1.84 4.59
CA VAL A 22 4.28 -2.80 4.63
C VAL A 22 5.39 -2.15 5.29
N ILE A 23 5.71 -2.66 6.41
CA ILE A 23 6.75 -2.13 7.17
C ILE A 23 8.04 -2.32 6.46
N ASP A 24 8.69 -1.22 6.26
CA ASP A 24 9.81 -1.15 5.40
C ASP A 24 11.01 -1.56 6.17
N LEU A 25 11.77 -2.44 5.65
CA LEU A 25 12.95 -2.90 6.30
C LEU A 25 14.13 -1.95 6.16
N ASP A 26 13.96 -0.89 5.37
CA ASP A 26 14.99 0.09 5.22
C ASP A 26 14.74 1.24 6.18
N THR A 27 13.50 1.65 6.29
CA THR A 27 13.14 2.72 7.21
C THR A 27 12.73 2.15 8.57
N LYS A 28 12.04 1.03 8.53
CA LYS A 28 11.53 0.31 9.69
C LYS A 28 10.38 1.03 10.32
N LYS A 29 9.51 1.34 9.47
CA LYS A 29 8.29 1.97 9.75
C LYS A 29 7.34 1.50 8.71
N PRO A 30 6.04 1.70 8.87
CA PRO A 30 5.11 1.27 7.90
C PRO A 30 5.20 2.10 6.69
N CYS A 31 4.40 1.79 5.76
CA CYS A 31 4.62 2.29 4.56
C CYS A 31 3.51 3.08 4.11
N THR A 32 3.69 4.29 4.24
CA THR A 32 2.73 5.23 3.86
C THR A 32 3.22 6.02 2.67
N ARG A 33 3.30 5.26 1.60
CA ARG A 33 3.69 5.77 0.32
C ARG A 33 2.50 5.95 -0.54
N SER A 34 2.02 4.86 -1.00
CA SER A 34 0.91 4.83 -1.83
C SER A 34 0.43 3.44 -1.86
N LEU A 35 -0.63 3.25 -2.57
CA LEU A 35 -1.21 1.98 -2.75
C LEU A 35 -0.56 1.27 -3.91
N THR A 36 0.41 1.92 -4.46
CA THR A 36 1.23 1.38 -5.50
C THR A 36 2.68 1.71 -5.18
N CYS A 37 2.98 1.60 -3.87
CA CYS A 37 4.31 1.75 -3.32
C CYS A 37 5.38 1.10 -4.21
N LYS A 38 6.30 1.90 -4.67
CA LYS A 38 7.33 1.57 -5.63
C LYS A 38 8.40 0.69 -5.02
N THR A 39 8.43 0.68 -3.75
CA THR A 39 9.49 0.10 -3.02
C THR A 39 9.19 -1.36 -2.65
N HIS A 40 7.95 -1.67 -2.64
CA HIS A 40 7.53 -2.95 -2.16
C HIS A 40 6.82 -3.64 -3.24
N SER A 41 7.07 -4.90 -3.38
CA SER A 41 6.45 -5.66 -4.41
C SER A 41 5.02 -5.96 -4.11
N LEU A 42 4.27 -6.17 -5.17
CA LEU A 42 2.85 -6.38 -5.13
C LEU A 42 2.45 -7.43 -4.13
N THR A 43 3.18 -8.50 -4.08
CA THR A 43 2.85 -9.58 -3.18
C THR A 43 2.94 -9.13 -1.72
N GLN A 44 3.82 -8.19 -1.47
CA GLN A 44 4.08 -7.76 -0.12
C GLN A 44 2.99 -6.84 0.34
N ARG A 45 2.40 -6.11 -0.60
CA ARG A 45 1.31 -5.24 -0.24
C ARG A 45 0.08 -6.09 0.02
N ARG A 46 -0.11 -7.15 -0.79
CA ARG A 46 -1.25 -8.05 -0.60
C ARG A 46 -1.14 -8.80 0.71
N ALA A 47 0.09 -9.14 1.05
CA ALA A 47 0.44 -9.84 2.27
C ALA A 47 0.03 -9.07 3.53
N VAL A 48 0.38 -7.80 3.60
CA VAL A 48 0.09 -7.02 4.79
C VAL A 48 -1.40 -6.66 4.89
N GLN A 49 -1.99 -7.06 5.98
CA GLN A 49 -3.40 -6.83 6.28
C GLN A 49 -3.60 -5.42 6.90
N GLY A 50 -3.01 -4.44 6.27
CA GLY A 50 -3.03 -3.07 6.76
C GLY A 50 -4.29 -2.33 6.45
N ARG A 51 -4.78 -2.49 5.25
CA ARG A 51 -5.90 -1.73 4.77
C ARG A 51 -7.19 -2.22 5.35
N ARG A 52 -8.24 -1.51 5.06
CA ARG A 52 -9.55 -1.88 5.51
C ARG A 52 -10.12 -3.08 4.75
N LYS A 53 -9.49 -3.43 3.63
CA LYS A 53 -9.95 -4.48 2.80
C LYS A 53 -8.72 -5.22 2.26
N ARG A 54 -8.94 -6.21 1.43
CA ARG A 54 -7.88 -6.88 0.67
C ARG A 54 -7.21 -5.85 -0.21
N PHE A 55 -5.94 -6.01 -0.40
CA PHE A 55 -5.17 -5.04 -1.14
C PHE A 55 -5.64 -4.81 -2.57
N ASP A 56 -6.04 -5.84 -3.21
CA ASP A 56 -6.43 -5.76 -4.62
C ASP A 56 -7.66 -4.91 -4.79
N VAL A 57 -8.57 -5.09 -3.87
CA VAL A 57 -9.83 -4.42 -3.88
C VAL A 57 -9.60 -2.96 -3.49
N LEU A 58 -8.62 -2.75 -2.65
CA LEU A 58 -8.20 -1.49 -2.21
C LEU A 58 -7.50 -0.78 -3.36
N LEU A 59 -6.61 -1.49 -4.02
CA LEU A 59 -5.86 -0.97 -5.14
C LEU A 59 -6.83 -0.59 -6.23
N ALA A 60 -7.93 -1.33 -6.33
CA ALA A 60 -8.97 -1.03 -7.29
C ALA A 60 -9.51 0.40 -7.10
N GLU A 61 -9.66 0.80 -5.84
CA GLU A 61 -10.07 2.14 -5.51
C GLU A 61 -8.96 3.12 -5.85
N HIS A 62 -7.72 2.68 -5.65
CA HIS A 62 -6.56 3.45 -6.04
C HIS A 62 -6.53 3.66 -7.51
N LYS A 63 -6.73 2.63 -8.26
CA LYS A 63 -6.75 2.75 -9.68
C LYS A 63 -7.88 3.59 -10.14
N ASN A 64 -8.97 3.55 -9.48
CA ASN A 64 -10.06 4.44 -9.84
C ASN A 64 -9.63 5.94 -9.75
N LYS A 65 -8.62 6.20 -8.91
CA LYS A 65 -7.97 7.48 -8.80
C LYS A 65 -6.74 7.57 -9.76
N THR A 66 -5.76 6.71 -9.52
CA THR A 66 -4.44 6.71 -10.17
C THR A 66 -4.20 5.41 -10.99
N ARG A 67 -5.18 5.06 -11.67
CA ARG A 67 -5.17 3.95 -12.68
C ARG A 67 -4.00 3.97 -13.66
N GLU A 68 -3.36 5.10 -13.81
CA GLU A 68 -2.23 5.21 -14.70
C GLU A 68 -1.02 4.52 -14.07
N LYS A 69 -0.81 3.30 -14.48
CA LYS A 69 0.27 2.49 -13.98
C LYS A 69 0.75 1.56 -15.07
N GLU A 70 1.99 1.13 -14.97
CA GLU A 70 2.56 0.20 -15.89
C GLU A 70 1.93 -1.18 -15.69
ZN ZN B . 5.54 0.08 0.79
N ARG A 12 3.83 10.74 5.49
CA ARG A 12 3.82 11.43 6.72
C ARG A 12 3.16 10.66 7.72
N GLU A 13 1.94 10.82 7.76
CA GLU A 13 1.21 10.16 8.66
C GLU A 13 0.63 8.96 7.95
N PHE A 14 1.34 7.93 8.12
CA PHE A 14 0.89 6.60 7.79
C PHE A 14 -0.59 6.41 8.01
N ASP A 15 -1.21 6.04 6.95
CA ASP A 15 -2.60 5.68 6.93
C ASP A 15 -2.72 4.27 6.50
N PRO A 16 -2.90 3.31 7.40
CA PRO A 16 -3.03 1.90 6.98
C PRO A 16 -4.29 1.67 6.22
N ASP A 17 -5.21 2.50 6.52
CA ASP A 17 -6.53 2.48 6.01
C ASP A 17 -6.53 2.75 4.51
N ILE A 18 -5.48 3.40 4.06
CA ILE A 18 -5.42 3.85 2.68
C ILE A 18 -4.11 3.43 2.01
N HIS A 19 -3.06 3.36 2.78
CA HIS A 19 -1.74 3.16 2.25
C HIS A 19 -1.23 1.75 2.31
N CYS A 20 -0.01 1.62 1.86
CA CYS A 20 0.70 0.36 1.70
C CYS A 20 0.81 -0.44 3.01
N GLY A 21 1.16 0.19 4.11
CA GLY A 21 1.18 -0.52 5.41
C GLY A 21 2.30 -1.51 5.58
N VAL A 22 3.14 -1.62 4.58
CA VAL A 22 4.24 -2.55 4.66
C VAL A 22 5.30 -1.88 5.38
N ILE A 23 5.54 -2.37 6.53
CA ILE A 23 6.57 -1.88 7.30
C ILE A 23 7.86 -2.24 6.65
N ASP A 24 8.60 -1.24 6.35
CA ASP A 24 9.76 -1.38 5.53
C ASP A 24 10.85 -2.02 6.32
N LEU A 25 11.45 -3.02 5.79
CA LEU A 25 12.48 -3.71 6.51
C LEU A 25 13.82 -2.99 6.49
N ASP A 26 13.89 -1.89 5.79
CA ASP A 26 15.07 -1.07 5.80
C ASP A 26 14.90 0.00 6.88
N THR A 27 13.84 0.78 6.77
CA THR A 27 13.58 1.87 7.73
C THR A 27 12.85 1.37 9.00
N LYS A 28 11.96 0.42 8.81
CA LYS A 28 11.16 -0.24 9.86
C LYS A 28 10.10 0.63 10.41
N LYS A 29 9.46 1.23 9.50
CA LYS A 29 8.35 2.07 9.71
C LYS A 29 7.38 1.70 8.62
N PRO A 30 6.11 2.09 8.71
CA PRO A 30 5.17 1.72 7.72
C PRO A 30 5.31 2.42 6.44
N CYS A 31 4.39 2.16 5.59
CA CYS A 31 4.50 2.57 4.33
C CYS A 31 3.34 3.31 3.88
N THR A 32 3.52 4.52 3.82
CA THR A 32 2.54 5.41 3.33
C THR A 32 3.03 6.09 2.03
N ARG A 33 3.55 5.23 1.15
CA ARG A 33 4.00 5.65 -0.18
C ARG A 33 2.81 5.98 -1.01
N SER A 34 2.08 4.94 -1.30
CA SER A 34 0.85 4.99 -2.00
C SER A 34 0.25 3.63 -1.93
N LEU A 35 -0.88 3.51 -2.57
CA LEU A 35 -1.64 2.32 -2.64
C LEU A 35 -1.04 1.42 -3.72
N THR A 36 -0.10 1.97 -4.44
CA THR A 36 0.54 1.29 -5.55
C THR A 36 2.08 1.40 -5.39
N CYS A 37 2.47 1.46 -4.12
CA CYS A 37 3.86 1.59 -3.63
C CYS A 37 4.94 0.97 -4.52
N LYS A 38 5.92 1.78 -4.86
CA LYS A 38 7.00 1.42 -5.72
C LYS A 38 8.05 0.61 -5.02
N THR A 39 8.25 0.90 -3.77
CA THR A 39 9.37 0.37 -3.04
C THR A 39 9.24 -1.12 -2.84
N HIS A 40 8.03 -1.48 -2.62
CA HIS A 40 7.68 -2.75 -2.13
C HIS A 40 6.97 -3.50 -3.19
N SER A 41 7.36 -4.72 -3.39
CA SER A 41 6.79 -5.57 -4.37
C SER A 41 5.39 -5.96 -4.07
N LEU A 42 4.65 -6.26 -5.13
CA LEU A 42 3.25 -6.61 -5.09
C LEU A 42 2.92 -7.59 -4.01
N THR A 43 3.72 -8.62 -3.89
CA THR A 43 3.45 -9.67 -2.95
C THR A 43 3.46 -9.14 -1.52
N GLN A 44 4.27 -8.13 -1.30
CA GLN A 44 4.45 -7.59 0.03
C GLN A 44 3.25 -6.77 0.42
N ARG A 45 2.63 -6.15 -0.59
CA ARG A 45 1.46 -5.36 -0.31
C ARG A 45 0.28 -6.25 -0.02
N ARG A 46 0.18 -7.38 -0.76
CA ARG A 46 -0.93 -8.32 -0.55
C ARG A 46 -0.79 -9.07 0.76
N ALA A 47 0.42 -9.19 1.22
CA ALA A 47 0.73 -9.85 2.47
C ALA A 47 0.23 -9.04 3.67
N VAL A 48 0.54 -7.76 3.69
CA VAL A 48 0.16 -6.91 4.80
C VAL A 48 -1.34 -6.59 4.77
N GLN A 49 -1.97 -6.82 5.89
CA GLN A 49 -3.40 -6.60 6.07
C GLN A 49 -3.65 -5.20 6.70
N GLY A 50 -2.90 -4.23 6.19
CA GLY A 50 -2.96 -2.85 6.67
C GLY A 50 -4.26 -2.15 6.36
N ARG A 51 -4.74 -2.32 5.15
CA ARG A 51 -5.91 -1.62 4.70
C ARG A 51 -7.15 -2.28 5.28
N ARG A 52 -8.27 -1.62 5.14
CA ARG A 52 -9.54 -2.10 5.71
C ARG A 52 -9.98 -3.36 5.00
N LYS A 53 -9.52 -3.52 3.78
CA LYS A 53 -9.90 -4.58 2.96
C LYS A 53 -8.65 -5.14 2.33
N ARG A 54 -8.82 -6.13 1.49
CA ARG A 54 -7.75 -6.74 0.72
C ARG A 54 -7.02 -5.68 -0.12
N PHE A 55 -5.77 -5.87 -0.32
CA PHE A 55 -4.95 -4.91 -1.03
C PHE A 55 -5.39 -4.71 -2.46
N ASP A 56 -5.77 -5.74 -3.07
CA ASP A 56 -6.15 -5.70 -4.48
C ASP A 56 -7.40 -4.92 -4.68
N VAL A 57 -8.30 -5.05 -3.74
CA VAL A 57 -9.56 -4.39 -3.81
C VAL A 57 -9.33 -2.90 -3.53
N LEU A 58 -8.36 -2.65 -2.69
CA LEU A 58 -7.94 -1.37 -2.30
C LEU A 58 -7.22 -0.70 -3.48
N LEU A 59 -6.34 -1.45 -4.12
CA LEU A 59 -5.61 -0.93 -5.26
C LEU A 59 -6.60 -0.62 -6.36
N ALA A 60 -7.68 -1.39 -6.42
CA ALA A 60 -8.73 -1.16 -7.39
C ALA A 60 -9.34 0.22 -7.17
N GLU A 61 -9.48 0.59 -5.90
CA GLU A 61 -10.00 1.88 -5.51
C GLU A 61 -8.99 2.93 -5.89
N HIS A 62 -7.71 2.57 -5.74
CA HIS A 62 -6.65 3.41 -6.14
C HIS A 62 -6.73 3.66 -7.58
N LYS A 63 -6.77 2.65 -8.38
CA LYS A 63 -6.85 2.80 -9.83
C LYS A 63 -8.09 3.48 -10.29
N ASN A 64 -9.12 3.37 -9.54
CA ASN A 64 -10.28 4.13 -9.85
C ASN A 64 -10.04 5.65 -9.65
N LYS A 65 -9.19 5.98 -8.68
CA LYS A 65 -8.78 7.36 -8.43
C LYS A 65 -7.52 7.70 -9.25
N THR A 66 -6.45 7.03 -8.91
CA THR A 66 -5.19 7.15 -9.51
C THR A 66 -4.85 5.80 -10.15
N ARG A 67 -5.10 5.80 -11.34
CA ARG A 67 -5.05 4.76 -12.31
C ARG A 67 -3.63 4.64 -12.88
N GLU A 68 -2.71 5.21 -12.19
CA GLU A 68 -1.36 5.19 -12.55
C GLU A 68 -0.67 4.23 -11.63
N LYS A 69 0.13 3.43 -12.20
CA LYS A 69 0.87 2.43 -11.52
C LYS A 69 2.30 2.59 -11.95
N GLU A 70 3.25 2.27 -11.09
CA GLU A 70 4.65 2.38 -11.47
C GLU A 70 4.97 1.27 -12.46
ZN ZN B . 5.33 0.22 0.56
N ARG A 12 4.14 10.31 6.24
CA ARG A 12 3.63 11.29 7.12
C ARG A 12 2.90 10.69 8.21
N GLU A 13 1.71 10.51 7.98
CA GLU A 13 0.90 9.95 8.87
C GLU A 13 0.40 8.71 8.21
N PHE A 14 1.19 7.74 8.38
CA PHE A 14 0.82 6.39 8.04
C PHE A 14 -0.65 6.13 8.26
N ASP A 15 -1.28 5.81 7.19
CA ASP A 15 -2.67 5.49 7.20
C ASP A 15 -2.79 4.07 6.75
N PRO A 16 -2.88 3.11 7.67
CA PRO A 16 -2.89 1.70 7.28
C PRO A 16 -4.04 1.35 6.41
N ASP A 17 -5.16 1.92 6.76
CA ASP A 17 -6.41 1.65 6.12
C ASP A 17 -6.42 2.04 4.67
N ILE A 18 -5.56 2.95 4.31
CA ILE A 18 -5.60 3.52 2.99
C ILE A 18 -4.28 3.27 2.24
N HIS A 19 -3.21 3.13 2.98
CA HIS A 19 -1.90 3.01 2.40
C HIS A 19 -1.31 1.63 2.44
N CYS A 20 -0.06 1.57 2.03
CA CYS A 20 0.70 0.33 1.88
C CYS A 20 0.78 -0.49 3.17
N GLY A 21 1.18 0.12 4.27
CA GLY A 21 1.21 -0.61 5.55
C GLY A 21 2.28 -1.66 5.63
N VAL A 22 3.16 -1.67 4.65
CA VAL A 22 4.22 -2.64 4.64
C VAL A 22 5.31 -2.03 5.33
N ILE A 23 5.56 -2.55 6.47
CA ILE A 23 6.59 -2.05 7.25
C ILE A 23 7.91 -2.31 6.59
N ASP A 24 8.60 -1.25 6.40
CA ASP A 24 9.76 -1.21 5.60
C ASP A 24 10.90 -1.73 6.38
N LEU A 25 11.59 -2.68 5.85
CA LEU A 25 12.73 -3.27 6.50
C LEU A 25 13.98 -2.41 6.35
N ASP A 26 13.92 -1.42 5.50
CA ASP A 26 15.03 -0.52 5.29
C ASP A 26 14.97 0.60 6.32
N THR A 27 13.81 1.18 6.45
CA THR A 27 13.60 2.28 7.38
C THR A 27 12.99 1.85 8.71
N LYS A 28 12.21 0.80 8.67
CA LYS A 28 11.52 0.24 9.84
C LYS A 28 10.48 1.12 10.39
N LYS A 29 9.65 1.45 9.49
CA LYS A 29 8.49 2.25 9.66
C LYS A 29 7.48 1.65 8.73
N PRO A 30 6.22 2.03 8.79
CA PRO A 30 5.25 1.57 7.85
C PRO A 30 5.41 2.18 6.52
N CYS A 31 4.36 2.18 5.75
CA CYS A 31 4.52 2.62 4.49
C CYS A 31 3.36 3.35 3.97
N THR A 32 3.37 4.58 4.15
CA THR A 32 2.40 5.42 3.53
C THR A 32 3.00 6.10 2.29
N ARG A 33 3.27 5.25 1.33
CA ARG A 33 3.67 5.70 0.04
C ARG A 33 2.47 5.90 -0.78
N SER A 34 1.88 4.80 -1.10
CA SER A 34 0.72 4.78 -1.85
C SER A 34 0.17 3.42 -1.81
N LEU A 35 -0.96 3.31 -2.43
CA LEU A 35 -1.72 2.12 -2.54
C LEU A 35 -1.09 1.24 -3.62
N THR A 36 -0.12 1.79 -4.30
CA THR A 36 0.56 1.13 -5.39
C THR A 36 2.07 1.27 -5.18
N CYS A 37 2.44 1.40 -3.88
CA CYS A 37 3.83 1.54 -3.40
C CYS A 37 4.86 0.90 -4.33
N LYS A 38 5.75 1.71 -4.81
CA LYS A 38 6.67 1.40 -5.86
C LYS A 38 7.97 0.80 -5.30
N THR A 39 8.05 0.71 -4.01
CA THR A 39 9.20 0.19 -3.34
C THR A 39 9.04 -1.30 -3.14
N HIS A 40 7.92 -1.60 -2.58
CA HIS A 40 7.56 -2.89 -2.11
C HIS A 40 6.84 -3.61 -3.18
N SER A 41 7.25 -4.84 -3.42
CA SER A 41 6.65 -5.64 -4.44
C SER A 41 5.26 -6.02 -4.14
N LEU A 42 4.54 -6.34 -5.19
CA LEU A 42 3.14 -6.67 -5.17
C LEU A 42 2.81 -7.66 -4.08
N THR A 43 3.61 -8.69 -3.97
CA THR A 43 3.32 -9.74 -3.01
C THR A 43 3.41 -9.20 -1.58
N GLN A 44 4.26 -8.22 -1.40
CA GLN A 44 4.54 -7.68 -0.08
C GLN A 44 3.38 -6.84 0.35
N ARG A 45 2.71 -6.23 -0.62
CA ARG A 45 1.55 -5.44 -0.29
C ARG A 45 0.38 -6.34 0.05
N ARG A 46 0.18 -7.41 -0.75
CA ARG A 46 -0.95 -8.32 -0.53
C ARG A 46 -0.79 -9.02 0.81
N ALA A 47 0.45 -9.29 1.18
CA ALA A 47 0.79 -9.96 2.43
C ALA A 47 0.35 -9.19 3.69
N VAL A 48 0.29 -7.87 3.62
CA VAL A 48 -0.09 -7.09 4.81
C VAL A 48 -1.56 -6.71 4.74
N GLN A 49 -2.15 -6.87 5.87
CA GLN A 49 -3.54 -6.71 6.13
C GLN A 49 -3.83 -5.33 6.75
N GLY A 50 -3.08 -4.34 6.28
CA GLY A 50 -3.14 -2.98 6.82
C GLY A 50 -4.39 -2.20 6.46
N ARG A 51 -4.84 -2.32 5.23
CA ARG A 51 -5.91 -1.49 4.67
C ARG A 51 -7.26 -1.81 5.24
N ARG A 52 -8.25 -1.05 4.78
CA ARG A 52 -9.66 -1.31 5.12
C ARG A 52 -10.02 -2.68 4.61
N LYS A 53 -9.59 -2.91 3.40
CA LYS A 53 -10.00 -4.00 2.59
C LYS A 53 -8.76 -4.79 2.18
N ARG A 54 -8.96 -5.83 1.35
CA ARG A 54 -7.85 -6.56 0.73
C ARG A 54 -7.00 -5.56 -0.05
N PHE A 55 -5.82 -5.94 -0.38
CA PHE A 55 -4.95 -5.04 -1.07
C PHE A 55 -5.38 -4.79 -2.51
N ASP A 56 -5.80 -5.82 -3.16
CA ASP A 56 -6.15 -5.77 -4.58
C ASP A 56 -7.37 -4.91 -4.79
N VAL A 57 -8.30 -5.05 -3.90
CA VAL A 57 -9.55 -4.32 -3.94
C VAL A 57 -9.32 -2.85 -3.60
N LEU A 58 -8.36 -2.66 -2.74
CA LEU A 58 -7.90 -1.39 -2.34
C LEU A 58 -7.17 -0.73 -3.49
N LEU A 59 -6.34 -1.49 -4.16
CA LEU A 59 -5.61 -0.99 -5.30
C LEU A 59 -6.60 -0.62 -6.37
N ALA A 60 -7.69 -1.34 -6.45
CA ALA A 60 -8.76 -1.04 -7.39
C ALA A 60 -9.31 0.36 -7.11
N GLU A 61 -9.44 0.70 -5.85
CA GLU A 61 -9.87 2.02 -5.42
C GLU A 61 -8.82 3.04 -5.76
N HIS A 62 -7.55 2.63 -5.66
CA HIS A 62 -6.43 3.44 -6.08
C HIS A 62 -6.50 3.69 -7.52
N LYS A 63 -6.66 2.69 -8.31
CA LYS A 63 -6.75 2.86 -9.73
C LYS A 63 -7.95 3.65 -10.13
N ASN A 64 -8.95 3.60 -9.39
CA ASN A 64 -10.08 4.42 -9.72
C ASN A 64 -9.75 5.93 -9.51
N LYS A 65 -8.79 6.20 -8.66
CA LYS A 65 -8.26 7.52 -8.46
C LYS A 65 -7.06 7.76 -9.39
N THR A 66 -6.02 6.97 -9.15
CA THR A 66 -4.75 7.05 -9.80
C THR A 66 -4.40 5.70 -10.48
N ARG A 67 -5.17 5.42 -11.42
CA ARG A 67 -5.05 4.31 -12.39
C ARG A 67 -3.72 4.32 -13.23
N GLU A 68 -2.73 5.02 -12.77
CA GLU A 68 -1.48 5.11 -13.42
C GLU A 68 -0.48 4.26 -12.68
N LYS A 69 0.22 3.45 -13.41
CA LYS A 69 1.27 2.61 -12.89
C LYS A 69 2.46 2.66 -13.83
N GLU A 70 3.66 2.62 -13.30
CA GLU A 70 4.84 2.65 -14.13
C GLU A 70 5.36 1.26 -14.38
ZN ZN B . 5.41 0.21 0.72
N ARG A 12 4.27 11.00 8.71
CA ARG A 12 3.01 11.58 9.10
C ARG A 12 2.20 10.52 9.75
N GLU A 13 0.96 10.62 9.68
CA GLU A 13 0.19 9.63 10.22
C GLU A 13 -0.04 8.52 9.20
N PHE A 14 0.86 7.59 9.20
CA PHE A 14 0.67 6.29 8.53
C PHE A 14 -0.79 5.89 8.61
N ASP A 15 -1.33 5.66 7.49
CA ASP A 15 -2.70 5.30 7.39
C ASP A 15 -2.81 3.91 6.90
N PRO A 16 -3.02 2.92 7.76
CA PRO A 16 -3.12 1.54 7.32
C PRO A 16 -4.31 1.31 6.43
N ASP A 17 -5.40 1.97 6.75
CA ASP A 17 -6.65 1.83 6.02
C ASP A 17 -6.55 2.29 4.58
N ILE A 18 -5.53 3.08 4.28
CA ILE A 18 -5.43 3.69 2.97
C ILE A 18 -4.09 3.38 2.30
N HIS A 19 -3.06 3.22 3.09
CA HIS A 19 -1.73 3.10 2.58
C HIS A 19 -1.19 1.71 2.57
N CYS A 20 0.05 1.63 2.17
CA CYS A 20 0.77 0.38 1.97
C CYS A 20 0.82 -0.48 3.23
N GLY A 21 1.19 0.09 4.35
CA GLY A 21 1.18 -0.67 5.60
C GLY A 21 2.20 -1.76 5.70
N VAL A 22 3.09 -1.84 4.73
CA VAL A 22 4.10 -2.87 4.75
C VAL A 22 5.21 -2.22 5.36
N ILE A 23 5.58 -2.69 6.47
CA ILE A 23 6.66 -2.12 7.14
C ILE A 23 7.91 -2.22 6.33
N ASP A 24 8.50 -1.09 6.15
CA ASP A 24 9.55 -0.92 5.24
C ASP A 24 10.81 -1.37 5.87
N LEU A 25 11.59 -2.11 5.17
CA LEU A 25 12.82 -2.64 5.69
C LEU A 25 13.95 -1.61 5.69
N ASP A 26 13.81 -0.56 4.91
CA ASP A 26 14.82 0.49 4.88
C ASP A 26 14.51 1.48 5.92
N THR A 27 13.29 1.92 5.91
CA THR A 27 12.94 2.90 6.84
C THR A 27 12.58 2.30 8.21
N LYS A 28 12.01 1.10 8.18
CA LYS A 28 11.59 0.36 9.36
C LYS A 28 10.57 1.06 10.16
N LYS A 29 9.59 1.40 9.42
CA LYS A 29 8.41 2.05 9.83
C LYS A 29 7.39 1.59 8.83
N PRO A 30 6.12 1.88 9.00
CA PRO A 30 5.15 1.49 8.04
C PRO A 30 5.26 2.26 6.77
N CYS A 31 4.40 1.99 5.88
CA CYS A 31 4.59 2.45 4.65
C CYS A 31 3.44 3.20 4.15
N THR A 32 3.56 4.44 4.27
CA THR A 32 2.58 5.36 3.79
C THR A 32 3.15 6.07 2.56
N ARG A 33 3.47 5.23 1.58
CA ARG A 33 3.89 5.69 0.28
C ARG A 33 2.69 5.93 -0.57
N SER A 34 2.04 4.85 -0.89
CA SER A 34 0.86 4.86 -1.67
C SER A 34 0.25 3.52 -1.65
N LEU A 35 -0.85 3.41 -2.33
CA LEU A 35 -1.62 2.23 -2.44
C LEU A 35 -0.99 1.32 -3.49
N THR A 36 0.05 1.81 -4.12
CA THR A 36 0.75 1.09 -5.14
C THR A 36 2.27 1.27 -4.93
N CYS A 37 2.64 1.37 -3.65
CA CYS A 37 4.04 1.50 -3.18
C CYS A 37 5.05 0.83 -4.12
N LYS A 38 5.96 1.61 -4.61
CA LYS A 38 6.88 1.26 -5.65
C LYS A 38 8.12 0.54 -5.09
N THR A 39 8.14 0.39 -3.81
CA THR A 39 9.24 -0.22 -3.13
C THR A 39 8.98 -1.70 -2.94
N HIS A 40 7.85 -1.92 -2.34
CA HIS A 40 7.40 -3.21 -1.92
C HIS A 40 6.71 -3.86 -3.06
N SER A 41 7.01 -5.11 -3.26
CA SER A 41 6.40 -5.84 -4.34
C SER A 41 4.96 -6.14 -4.08
N LEU A 42 4.23 -6.35 -5.16
CA LEU A 42 2.82 -6.60 -5.16
C LEU A 42 2.42 -7.61 -4.12
N THR A 43 3.16 -8.67 -4.05
CA THR A 43 2.81 -9.74 -3.15
C THR A 43 2.91 -9.28 -1.70
N GLN A 44 3.81 -8.34 -1.46
CA GLN A 44 4.09 -7.88 -0.11
C GLN A 44 3.01 -6.95 0.33
N ARG A 45 2.41 -6.23 -0.62
CA ARG A 45 1.31 -5.38 -0.26
C ARG A 45 0.10 -6.23 0.06
N ARG A 46 -0.10 -7.30 -0.74
CA ARG A 46 -1.22 -8.21 -0.51
C ARG A 46 -1.06 -8.91 0.83
N ALA A 47 0.18 -9.27 1.11
CA ALA A 47 0.55 -9.97 2.35
C ALA A 47 0.27 -9.18 3.65
N VAL A 48 0.29 -7.87 3.59
CA VAL A 48 0.01 -7.11 4.80
C VAL A 48 -1.48 -6.73 4.85
N GLN A 49 -2.11 -7.03 5.95
CA GLN A 49 -3.53 -6.71 6.16
C GLN A 49 -3.66 -5.31 6.78
N GLY A 50 -2.87 -4.38 6.28
CA GLY A 50 -2.88 -3.01 6.75
C GLY A 50 -4.20 -2.31 6.49
N ARG A 51 -4.64 -2.38 5.25
CA ARG A 51 -5.85 -1.75 4.80
C ARG A 51 -7.05 -2.38 5.45
N ARG A 52 -8.17 -1.76 5.30
CA ARG A 52 -9.39 -2.26 5.87
C ARG A 52 -10.01 -3.34 4.98
N LYS A 53 -9.49 -3.48 3.77
CA LYS A 53 -9.97 -4.44 2.82
C LYS A 53 -8.76 -5.12 2.25
N ARG A 54 -8.95 -6.11 1.41
CA ARG A 54 -7.84 -6.73 0.69
C ARG A 54 -7.13 -5.70 -0.16
N PHE A 55 -5.86 -5.88 -0.34
CA PHE A 55 -5.06 -4.92 -1.05
C PHE A 55 -5.49 -4.73 -2.49
N ASP A 56 -5.88 -5.79 -3.10
CA ASP A 56 -6.26 -5.78 -4.52
C ASP A 56 -7.46 -4.89 -4.74
N VAL A 57 -8.36 -4.97 -3.81
CA VAL A 57 -9.62 -4.29 -3.87
C VAL A 57 -9.39 -2.81 -3.56
N LEU A 58 -8.42 -2.59 -2.71
CA LEU A 58 -7.99 -1.30 -2.30
C LEU A 58 -7.24 -0.64 -3.46
N LEU A 59 -6.38 -1.40 -4.10
CA LEU A 59 -5.63 -0.93 -5.24
C LEU A 59 -6.58 -0.56 -6.36
N ALA A 60 -7.71 -1.24 -6.41
CA ALA A 60 -8.73 -0.97 -7.39
C ALA A 60 -9.23 0.46 -7.24
N GLU A 61 -9.34 0.90 -5.99
CA GLU A 61 -9.74 2.25 -5.65
C GLU A 61 -8.64 3.19 -6.06
N HIS A 62 -7.41 2.74 -5.86
CA HIS A 62 -6.26 3.50 -6.25
C HIS A 62 -6.25 3.72 -7.70
N LYS A 63 -6.42 2.70 -8.47
CA LYS A 63 -6.44 2.83 -9.91
C LYS A 63 -7.62 3.59 -10.41
N ASN A 64 -8.69 3.59 -9.67
CA ASN A 64 -9.79 4.43 -10.05
C ASN A 64 -9.40 5.92 -9.94
N LYS A 65 -8.53 6.24 -9.00
CA LYS A 65 -7.99 7.56 -8.84
C LYS A 65 -6.68 7.72 -9.65
N THR A 66 -5.68 6.99 -9.24
CA THR A 66 -4.36 7.05 -9.78
C THR A 66 -3.99 5.71 -10.45
N ARG A 67 -4.71 5.52 -11.42
CA ARG A 67 -4.59 4.54 -12.48
C ARG A 67 -3.21 4.55 -13.14
N GLU A 68 -2.57 5.67 -13.05
CA GLU A 68 -1.25 5.92 -13.56
C GLU A 68 -0.23 5.04 -12.84
N LYS A 69 0.13 4.00 -13.49
CA LYS A 69 1.09 3.05 -13.02
C LYS A 69 1.72 2.44 -14.23
N GLU A 70 2.90 1.87 -14.08
CA GLU A 70 3.48 1.12 -15.15
C GLU A 70 2.70 -0.17 -15.26
ZN ZN B . 5.53 0.00 0.90
N ARG A 12 3.77 10.82 6.83
CA ARG A 12 3.95 11.31 8.15
C ARG A 12 3.44 10.34 9.07
N GLU A 13 2.23 10.27 9.03
CA GLU A 13 1.57 9.47 9.86
C GLU A 13 0.83 8.49 9.02
N PHE A 14 1.51 7.46 8.82
CA PHE A 14 0.98 6.24 8.24
C PHE A 14 -0.48 6.05 8.64
N ASP A 15 -1.28 5.96 7.65
CA ASP A 15 -2.69 5.74 7.78
C ASP A 15 -2.99 4.43 7.08
N PRO A 16 -3.18 3.35 7.83
CA PRO A 16 -3.35 2.00 7.27
C PRO A 16 -4.46 1.82 6.23
N ASP A 17 -5.58 2.48 6.41
CA ASP A 17 -6.70 2.36 5.47
C ASP A 17 -6.35 2.99 4.15
N ILE A 18 -5.47 3.93 4.20
CA ILE A 18 -5.22 4.74 3.04
C ILE A 18 -3.93 4.38 2.36
N HIS A 19 -3.08 3.64 3.04
CA HIS A 19 -1.82 3.29 2.47
C HIS A 19 -1.42 1.85 2.43
N CYS A 20 -0.20 1.71 1.98
CA CYS A 20 0.49 0.46 1.75
C CYS A 20 0.62 -0.44 3.02
N GLY A 21 0.97 0.13 4.15
CA GLY A 21 0.99 -0.66 5.38
C GLY A 21 2.17 -1.58 5.56
N VAL A 22 2.98 -1.71 4.54
CA VAL A 22 4.11 -2.63 4.60
C VAL A 22 5.20 -1.98 5.33
N ILE A 23 5.50 -2.54 6.43
CA ILE A 23 6.57 -2.10 7.18
C ILE A 23 7.82 -2.44 6.46
N ASP A 24 8.59 -1.44 6.21
CA ASP A 24 9.73 -1.56 5.37
C ASP A 24 10.86 -2.08 6.16
N LEU A 25 11.61 -2.94 5.58
CA LEU A 25 12.75 -3.52 6.23
C LEU A 25 13.95 -2.59 6.23
N ASP A 26 13.95 -1.59 5.39
CA ASP A 26 15.03 -0.66 5.30
C ASP A 26 14.79 0.53 6.22
N THR A 27 13.61 1.10 6.14
CA THR A 27 13.25 2.23 6.97
C THR A 27 12.64 1.80 8.32
N LYS A 28 11.96 0.65 8.32
CA LYS A 28 11.36 0.05 9.54
C LYS A 28 10.23 0.85 10.11
N LYS A 29 9.45 1.26 9.23
CA LYS A 29 8.29 1.99 9.47
C LYS A 29 7.27 1.48 8.49
N PRO A 30 6.00 1.76 8.67
CA PRO A 30 5.01 1.34 7.75
C PRO A 30 5.08 2.09 6.49
N CYS A 31 4.15 1.86 5.67
CA CYS A 31 4.28 2.36 4.46
C CYS A 31 3.13 3.13 4.07
N THR A 32 3.36 4.33 4.04
CA THR A 32 2.39 5.28 3.66
C THR A 32 2.91 5.96 2.34
N ARG A 33 3.40 5.13 1.43
CA ARG A 33 3.87 5.63 0.16
C ARG A 33 2.74 5.94 -0.74
N SER A 34 2.14 4.88 -1.11
CA SER A 34 0.98 4.82 -1.93
C SER A 34 0.48 3.43 -1.89
N LEU A 35 -0.69 3.26 -2.41
CA LEU A 35 -1.35 2.00 -2.52
C LEU A 35 -0.73 1.18 -3.61
N THR A 36 -0.03 1.83 -4.47
CA THR A 36 0.62 1.20 -5.59
C THR A 36 2.11 1.37 -5.40
N CYS A 37 2.46 1.48 -4.10
CA CYS A 37 3.78 1.69 -3.56
C CYS A 37 4.88 1.13 -4.45
N LYS A 38 5.77 2.00 -4.85
CA LYS A 38 6.79 1.74 -5.80
C LYS A 38 8.02 1.14 -5.15
N THR A 39 7.99 1.07 -3.86
CA THR A 39 9.10 0.57 -3.12
C THR A 39 8.99 -0.93 -2.97
N HIS A 40 7.78 -1.32 -2.72
CA HIS A 40 7.46 -2.63 -2.27
C HIS A 40 6.80 -3.38 -3.35
N SER A 41 7.13 -4.63 -3.47
CA SER A 41 6.54 -5.45 -4.46
C SER A 41 5.15 -5.86 -4.11
N LEU A 42 4.38 -6.12 -5.15
CA LEU A 42 2.98 -6.46 -5.11
C LEU A 42 2.66 -7.47 -4.05
N THR A 43 3.46 -8.48 -3.98
CA THR A 43 3.18 -9.55 -3.05
C THR A 43 3.32 -9.06 -1.61
N GLN A 44 4.20 -8.09 -1.43
CA GLN A 44 4.50 -7.59 -0.09
C GLN A 44 3.33 -6.76 0.39
N ARG A 45 2.62 -6.15 -0.55
CA ARG A 45 1.47 -5.36 -0.19
C ARG A 45 0.30 -6.28 0.17
N ARG A 46 0.09 -7.33 -0.64
CA ARG A 46 -0.98 -8.31 -0.37
C ARG A 46 -0.75 -9.01 0.96
N ALA A 47 0.50 -9.20 1.27
CA ALA A 47 0.93 -9.88 2.49
C ALA A 47 0.58 -9.11 3.78
N VAL A 48 0.45 -7.80 3.70
CA VAL A 48 0.20 -7.01 4.88
C VAL A 48 -1.26 -6.61 5.03
N GLN A 49 -1.82 -6.85 6.18
CA GLN A 49 -3.14 -6.42 6.46
C GLN A 49 -3.15 -5.04 7.10
N GLY A 50 -2.90 -4.05 6.29
CA GLY A 50 -2.92 -2.67 6.72
C GLY A 50 -4.24 -2.04 6.43
N ARG A 51 -4.73 -2.32 5.27
CA ARG A 51 -5.96 -1.77 4.79
C ARG A 51 -7.10 -2.45 5.48
N ARG A 52 -8.26 -1.93 5.31
CA ARG A 52 -9.42 -2.52 5.93
C ARG A 52 -10.06 -3.51 4.99
N LYS A 53 -9.53 -3.59 3.78
CA LYS A 53 -10.01 -4.44 2.77
C LYS A 53 -8.81 -5.20 2.26
N ARG A 54 -9.01 -6.09 1.30
CA ARG A 54 -7.88 -6.76 0.66
C ARG A 54 -7.09 -5.73 -0.07
N PHE A 55 -5.91 -6.06 -0.37
CA PHE A 55 -5.07 -5.15 -1.06
C PHE A 55 -5.53 -4.95 -2.49
N ASP A 56 -5.97 -5.97 -3.10
CA ASP A 56 -6.36 -5.92 -4.51
C ASP A 56 -7.61 -5.11 -4.69
N VAL A 57 -8.52 -5.23 -3.74
CA VAL A 57 -9.78 -4.50 -3.80
C VAL A 57 -9.53 -3.05 -3.51
N LEU A 58 -8.57 -2.83 -2.67
CA LEU A 58 -8.14 -1.58 -2.28
C LEU A 58 -7.38 -0.91 -3.43
N LEU A 59 -6.50 -1.65 -4.06
CA LEU A 59 -5.73 -1.11 -5.16
C LEU A 59 -6.65 -0.76 -6.29
N ALA A 60 -7.74 -1.50 -6.40
CA ALA A 60 -8.75 -1.25 -7.40
C ALA A 60 -9.30 0.16 -7.22
N GLU A 61 -9.49 0.55 -5.96
CA GLU A 61 -9.97 1.88 -5.63
C GLU A 61 -8.90 2.89 -5.99
N HIS A 62 -7.65 2.51 -5.75
CA HIS A 62 -6.53 3.34 -6.05
C HIS A 62 -6.43 3.61 -7.49
N LYS A 63 -6.44 2.61 -8.29
CA LYS A 63 -6.36 2.76 -9.72
C LYS A 63 -7.55 3.46 -10.28
N ASN A 64 -8.65 3.36 -9.62
CA ASN A 64 -9.77 4.16 -10.01
C ASN A 64 -9.45 5.68 -9.84
N LYS A 65 -8.61 6.00 -8.84
CA LYS A 65 -8.12 7.36 -8.62
C LYS A 65 -6.76 7.62 -9.34
N THR A 66 -5.72 6.93 -8.92
CA THR A 66 -4.38 7.05 -9.43
C THR A 66 -3.95 5.78 -10.14
N ARG A 67 -4.61 5.60 -11.16
CA ARG A 67 -4.42 4.64 -12.25
C ARG A 67 -2.99 4.72 -12.92
N GLU A 68 -2.04 5.31 -12.26
CA GLU A 68 -0.73 5.42 -12.78
C GLU A 68 0.15 4.37 -12.14
N LYS A 69 0.46 3.39 -12.90
CA LYS A 69 1.32 2.34 -12.44
C LYS A 69 2.71 2.61 -12.95
N GLU A 70 3.67 2.56 -12.07
CA GLU A 70 5.04 2.66 -12.44
C GLU A 70 5.41 1.33 -13.05
ZN ZN B . 5.15 0.32 0.59
N ARG A 12 3.95 10.20 6.62
CA ARG A 12 3.07 11.08 7.25
C ARG A 12 2.61 10.35 8.41
N GLU A 13 1.54 10.73 8.97
CA GLU A 13 1.01 9.93 9.94
C GLU A 13 0.35 8.77 9.16
N PHE A 14 1.15 7.72 9.00
CA PHE A 14 0.76 6.46 8.34
C PHE A 14 -0.72 6.14 8.48
N ASP A 15 -1.29 5.90 7.35
CA ASP A 15 -2.69 5.62 7.23
C ASP A 15 -2.85 4.23 6.69
N PRO A 16 -3.13 3.24 7.51
CA PRO A 16 -3.26 1.86 7.03
C PRO A 16 -4.43 1.63 6.10
N ASP A 17 -5.48 2.39 6.26
CA ASP A 17 -6.70 2.21 5.48
C ASP A 17 -6.54 2.74 4.09
N ILE A 18 -5.55 3.59 3.92
CA ILE A 18 -5.37 4.32 2.67
C ILE A 18 -3.99 4.10 2.06
N HIS A 19 -3.08 3.62 2.86
CA HIS A 19 -1.73 3.44 2.43
C HIS A 19 -1.22 2.02 2.49
N CYS A 20 0.01 1.89 2.03
CA CYS A 20 0.72 0.63 1.84
C CYS A 20 0.80 -0.23 3.12
N GLY A 21 1.24 0.33 4.22
CA GLY A 21 1.29 -0.44 5.47
C GLY A 21 2.37 -1.47 5.54
N VAL A 22 3.17 -1.55 4.50
CA VAL A 22 4.22 -2.55 4.46
C VAL A 22 5.36 -1.95 5.10
N ILE A 23 5.66 -2.45 6.21
CA ILE A 23 6.71 -1.96 6.96
C ILE A 23 8.01 -2.23 6.25
N ASP A 24 8.73 -1.18 6.09
CA ASP A 24 9.94 -1.17 5.33
C ASP A 24 11.02 -1.87 6.06
N LEU A 25 11.68 -2.77 5.43
CA LEU A 25 12.72 -3.54 6.06
C LEU A 25 14.05 -2.81 6.21
N ASP A 26 14.14 -1.61 5.71
CA ASP A 26 15.33 -0.80 5.92
C ASP A 26 15.07 0.07 7.08
N THR A 27 14.00 0.82 6.96
CA THR A 27 13.71 1.80 7.89
C THR A 27 12.91 1.27 9.09
N LYS A 28 12.09 0.28 8.83
CA LYS A 28 11.23 -0.38 9.82
C LYS A 28 10.20 0.52 10.38
N LYS A 29 9.54 1.09 9.46
CA LYS A 29 8.46 1.96 9.64
C LYS A 29 7.44 1.56 8.60
N PRO A 30 6.19 1.98 8.72
CA PRO A 30 5.22 1.62 7.78
C PRO A 30 5.36 2.37 6.51
N CYS A 31 4.41 2.24 5.67
CA CYS A 31 4.62 2.71 4.43
C CYS A 31 3.49 3.46 3.93
N THR A 32 3.57 4.69 4.11
CA THR A 32 2.58 5.59 3.63
C THR A 32 3.10 6.33 2.39
N ARG A 33 3.35 5.53 1.37
CA ARG A 33 3.69 6.02 0.07
C ARG A 33 2.45 6.13 -0.75
N SER A 34 2.00 4.99 -1.18
CA SER A 34 0.86 4.84 -1.99
C SER A 34 0.48 3.40 -1.94
N LEU A 35 -0.54 3.08 -2.67
CA LEU A 35 -1.06 1.77 -2.78
C LEU A 35 -0.41 1.03 -3.92
N THR A 36 0.44 1.72 -4.57
CA THR A 36 1.22 1.17 -5.64
C THR A 36 2.68 1.50 -5.36
N CYS A 37 2.94 1.55 -4.05
CA CYS A 37 4.24 1.78 -3.45
C CYS A 37 5.38 1.15 -4.27
N LYS A 38 6.34 1.96 -4.63
CA LYS A 38 7.42 1.63 -5.52
C LYS A 38 8.50 0.85 -4.82
N THR A 39 8.45 0.88 -3.54
CA THR A 39 9.46 0.32 -2.71
C THR A 39 9.21 -1.17 -2.51
N HIS A 40 7.98 -1.51 -2.59
CA HIS A 40 7.52 -2.78 -2.15
C HIS A 40 6.77 -3.42 -3.25
N SER A 41 6.99 -4.69 -3.45
CA SER A 41 6.34 -5.38 -4.50
C SER A 41 4.94 -5.76 -4.16
N LEU A 42 4.15 -5.95 -5.19
CA LEU A 42 2.75 -6.28 -5.12
C LEU A 42 2.46 -7.34 -4.08
N THR A 43 3.25 -8.38 -4.07
CA THR A 43 3.02 -9.47 -3.16
C THR A 43 3.18 -9.02 -1.71
N GLN A 44 4.01 -8.04 -1.50
CA GLN A 44 4.34 -7.57 -0.18
C GLN A 44 3.23 -6.71 0.34
N ARG A 45 2.53 -6.05 -0.58
CA ARG A 45 1.41 -5.22 -0.17
C ARG A 45 0.22 -6.10 0.14
N ARG A 46 0.01 -7.17 -0.69
CA ARG A 46 -1.13 -8.08 -0.46
C ARG A 46 -0.97 -8.81 0.87
N ALA A 47 0.28 -9.02 1.23
CA ALA A 47 0.63 -9.72 2.47
C ALA A 47 0.24 -8.94 3.72
N VAL A 48 0.37 -7.64 3.68
CA VAL A 48 0.08 -6.83 4.84
C VAL A 48 -1.36 -6.47 4.88
N GLN A 49 -1.88 -6.63 6.03
CA GLN A 49 -3.27 -6.53 6.26
C GLN A 49 -3.61 -5.16 6.85
N GLY A 50 -2.83 -4.16 6.45
CA GLY A 50 -2.99 -2.79 6.91
C GLY A 50 -4.35 -2.19 6.57
N ARG A 51 -4.73 -2.34 5.35
CA ARG A 51 -5.96 -1.82 4.82
C ARG A 51 -7.14 -2.51 5.43
N ARG A 52 -8.26 -1.92 5.20
CA ARG A 52 -9.53 -2.41 5.66
C ARG A 52 -10.12 -3.45 4.74
N LYS A 53 -9.58 -3.54 3.55
CA LYS A 53 -10.06 -4.39 2.53
C LYS A 53 -8.83 -5.11 2.03
N ARG A 54 -9.03 -6.13 1.19
CA ARG A 54 -7.89 -6.82 0.55
C ARG A 54 -7.14 -5.82 -0.23
N PHE A 55 -5.92 -6.10 -0.44
CA PHE A 55 -5.11 -5.17 -1.14
C PHE A 55 -5.54 -4.99 -2.57
N ASP A 56 -6.02 -6.02 -3.17
CA ASP A 56 -6.39 -5.98 -4.56
C ASP A 56 -7.60 -5.09 -4.77
N VAL A 57 -8.57 -5.24 -3.88
CA VAL A 57 -9.81 -4.48 -3.93
C VAL A 57 -9.54 -3.04 -3.58
N LEU A 58 -8.59 -2.87 -2.70
CA LEU A 58 -8.13 -1.63 -2.27
C LEU A 58 -7.38 -0.94 -3.42
N LEU A 59 -6.53 -1.69 -4.08
CA LEU A 59 -5.78 -1.17 -5.19
C LEU A 59 -6.72 -0.79 -6.30
N ALA A 60 -7.84 -1.50 -6.39
CA ALA A 60 -8.87 -1.20 -7.36
C ALA A 60 -9.45 0.20 -7.08
N GLU A 61 -9.56 0.55 -5.80
CA GLU A 61 -9.98 1.86 -5.39
C GLU A 61 -8.90 2.87 -5.74
N HIS A 62 -7.64 2.44 -5.59
CA HIS A 62 -6.50 3.25 -6.00
C HIS A 62 -6.56 3.50 -7.46
N LYS A 63 -6.77 2.50 -8.24
CA LYS A 63 -6.85 2.68 -9.65
C LYS A 63 -8.06 3.47 -10.05
N ASN A 64 -9.08 3.41 -9.31
CA ASN A 64 -10.22 4.24 -9.64
C ASN A 64 -9.88 5.74 -9.44
N LYS A 65 -8.93 6.01 -8.57
CA LYS A 65 -8.40 7.32 -8.37
C LYS A 65 -7.19 7.55 -9.32
N THR A 66 -6.14 6.78 -9.09
CA THR A 66 -4.87 6.88 -9.76
C THR A 66 -4.54 5.56 -10.54
N ARG A 67 -5.40 5.28 -11.40
CA ARG A 67 -5.32 4.24 -12.46
C ARG A 67 -4.06 4.29 -13.33
N GLU A 68 -3.32 5.36 -13.26
CA GLU A 68 -2.09 5.52 -13.98
C GLU A 68 -0.98 4.72 -13.32
N LYS A 69 -0.66 3.61 -13.89
CA LYS A 69 0.41 2.79 -13.40
C LYS A 69 1.30 2.39 -14.55
N GLU A 70 2.59 2.36 -14.32
CA GLU A 70 3.52 2.02 -15.35
C GLU A 70 3.55 0.53 -15.62
ZN ZN B . 5.46 0.32 0.73
#